data_3IFV
#
_entry.id   3IFV
#
_cell.length_a   83.360
_cell.length_b   143.760
_cell.length_c   78.030
_cell.angle_alpha   90.00
_cell.angle_beta   121.56
_cell.angle_gamma   90.00
#
_symmetry.space_group_name_H-M   'C 1 2 1'
#
loop_
_entity.id
_entity.type
_entity.pdbx_description
1 polymer PCNA
2 non-polymer 'SODIUM ION'
3 water water
#
_entity_poly.entity_id   1
_entity_poly.type   'polypeptide(L)'
_entity_poly.pdbx_seq_one_letter_code
;MFKAIVSAATLRDALDSVSVLVDECKIRLNEESLSIRAVDPANVGMVDLTLDAAAFESYEAHGGVIGVNLSRLEEVAGMA
GAGDLIHLTLDEETRKLNIRIDGLSYTLALIDPDSIRQEPDIPDLDLAANIVLEGTHLDRGIKAADMVSDHIRLRVDGAE
ETFHIEAEGDTDDVDLSLPPADLISIEAGAADSLFSLDYLKDMNKAIPTDAEVTVELGEEFPVKLHYQIAEGMGTITYML
APRIQSD
;
_entity_poly.pdbx_strand_id   A,B,C
#
# COMPACT_ATOMS: atom_id res chain seq x y z
N PHE A 2 -32.87 -18.00 -16.97
CA PHE A 2 -31.66 -17.28 -17.48
C PHE A 2 -30.44 -18.18 -17.72
N LYS A 3 -29.64 -17.83 -18.72
CA LYS A 3 -28.33 -18.45 -18.80
C LYS A 3 -27.30 -17.63 -19.58
N ALA A 4 -26.16 -17.35 -18.94
CA ALA A 4 -25.16 -16.50 -19.59
C ALA A 4 -23.74 -16.93 -19.37
N ILE A 5 -22.87 -16.51 -20.26
CA ILE A 5 -21.49 -16.80 -20.12
C ILE A 5 -20.76 -15.49 -20.38
N VAL A 6 -20.24 -14.86 -19.34
CA VAL A 6 -19.68 -13.50 -19.49
C VAL A 6 -18.21 -13.34 -19.07
N SER A 7 -17.52 -12.49 -19.82
CA SER A 7 -16.20 -12.03 -19.44
C SER A 7 -16.22 -11.50 -18.02
N ALA A 8 -15.33 -11.99 -17.15
CA ALA A 8 -15.19 -11.45 -15.80
C ALA A 8 -14.97 -9.91 -15.79
N ALA A 9 -14.08 -9.41 -16.65
CA ALA A 9 -13.67 -8.02 -16.60
C ALA A 9 -14.80 -7.15 -17.11
N THR A 10 -15.62 -7.74 -17.97
CA THR A 10 -16.72 -7.00 -18.58
C THR A 10 -17.85 -6.93 -17.56
N LEU A 11 -18.06 -8.03 -16.85
CA LEU A 11 -19.12 -8.03 -15.86
C LEU A 11 -18.76 -7.22 -14.60
N ARG A 12 -17.48 -7.19 -14.25
CA ARG A 12 -17.05 -6.37 -13.12
C ARG A 12 -17.17 -4.86 -13.41
N ASP A 13 -16.86 -4.44 -14.64
CA ASP A 13 -16.92 -3.02 -15.01
C ASP A 13 -18.38 -2.65 -14.99
N ALA A 14 -19.21 -3.61 -15.41
CA ALA A 14 -20.68 -3.45 -15.43
C ALA A 14 -21.26 -3.15 -14.08
N LEU A 15 -21.00 -4.08 -13.13
CA LEU A 15 -21.54 -4.04 -11.78
C LEU A 15 -20.93 -2.91 -10.94
N ASP A 16 -19.72 -2.55 -11.29
CA ASP A 16 -19.01 -1.45 -10.63
C ASP A 16 -19.77 -0.13 -10.79
N SER A 17 -20.17 0.18 -12.02
CA SER A 17 -20.88 1.43 -12.34
C SER A 17 -22.14 1.57 -11.45
N VAL A 18 -22.82 0.46 -11.20
CA VAL A 18 -23.99 0.48 -10.30
C VAL A 18 -23.60 0.43 -8.80
N SER A 19 -22.60 -0.38 -8.43
CA SER A 19 -22.17 -0.59 -7.05
C SER A 19 -21.76 0.71 -6.35
N VAL A 20 -21.11 1.53 -7.13
CA VAL A 20 -20.79 2.89 -6.76
C VAL A 20 -21.97 3.69 -6.14
N LEU A 21 -23.20 3.48 -6.60
CA LEU A 21 -24.37 4.23 -6.13
C LEU A 21 -25.28 3.56 -5.11
N VAL A 22 -25.21 2.24 -4.96
CA VAL A 22 -26.12 1.58 -4.09
C VAL A 22 -25.54 0.23 -3.81
N ASP A 23 -25.86 -0.28 -2.64
CA ASP A 23 -25.43 -1.61 -2.18
C ASP A 23 -26.31 -2.75 -2.73
N GLU A 24 -27.50 -2.44 -3.28
CA GLU A 24 -28.44 -3.46 -3.79
C GLU A 24 -29.23 -2.99 -5.04
N CYS A 25 -29.76 -3.93 -5.85
CA CYS A 25 -30.32 -3.56 -7.18
C CYS A 25 -31.17 -4.55 -8.03
N LYS A 26 -31.85 -4.00 -9.07
CA LYS A 26 -32.64 -4.77 -10.04
C LYS A 26 -32.00 -5.06 -11.41
N ILE A 27 -31.81 -6.33 -11.74
CA ILE A 27 -31.33 -6.66 -13.09
C ILE A 27 -32.53 -7.07 -13.99
N ARG A 28 -32.51 -6.62 -15.26
CA ARG A 28 -33.63 -6.82 -16.16
C ARG A 28 -33.32 -7.41 -17.55
N GLU A 32 -31.99 -9.23 -26.30
CA GLU A 32 -30.97 -8.40 -26.97
C GLU A 32 -29.97 -7.71 -26.01
N SER A 33 -30.30 -7.63 -24.72
CA SER A 33 -29.43 -6.92 -23.74
C SER A 33 -29.74 -7.01 -22.23
N LEU A 34 -28.71 -6.71 -21.43
CA LEU A 34 -28.89 -6.65 -20.00
C LEU A 34 -28.82 -5.17 -19.52
N SER A 35 -29.69 -4.85 -18.54
CA SER A 35 -29.79 -3.52 -17.98
C SER A 35 -30.09 -3.44 -16.48
N ILE A 36 -29.58 -2.36 -15.89
CA ILE A 36 -29.84 -2.01 -14.51
C ILE A 36 -30.04 -0.47 -14.46
N ARG A 37 -31.01 -0.04 -13.66
CA ARG A 37 -31.21 1.39 -13.41
C ARG A 37 -31.52 1.52 -11.96
N ALA A 38 -30.77 2.37 -11.26
CA ALA A 38 -31.01 2.65 -9.86
C ALA A 38 -30.72 4.14 -9.57
N VAL A 39 -31.15 4.64 -8.42
CA VAL A 39 -30.86 6.01 -8.05
C VAL A 39 -30.54 5.75 -6.61
N ASP A 40 -29.70 6.57 -6.00
CA ASP A 40 -29.23 6.38 -4.63
C ASP A 40 -30.16 6.82 -3.47
N PRO A 41 -29.96 6.20 -2.31
CA PRO A 41 -30.84 6.50 -1.20
C PRO A 41 -31.25 7.98 -1.20
N ALA A 42 -30.40 8.94 -1.63
CA ALA A 42 -30.84 10.35 -1.42
C ALA A 42 -31.57 10.96 -2.58
N ASN A 43 -31.80 10.15 -3.63
CA ASN A 43 -32.30 10.65 -4.91
C ASN A 43 -31.49 11.71 -5.55
N VAL A 44 -30.18 11.57 -5.53
CA VAL A 44 -29.32 12.61 -6.06
C VAL A 44 -28.50 12.06 -7.27
N GLY A 45 -28.14 10.79 -7.20
CA GLY A 45 -27.34 10.21 -8.27
C GLY A 45 -28.10 9.07 -8.92
N MET A 46 -27.98 8.88 -10.22
CA MET A 46 -28.73 7.80 -10.91
C MET A 46 -27.79 7.12 -11.86
N VAL A 47 -28.01 5.82 -12.15
CA VAL A 47 -27.20 5.11 -13.21
C VAL A 47 -28.07 4.34 -14.24
N ASP A 48 -27.65 4.21 -15.49
CA ASP A 48 -28.44 3.41 -16.42
C ASP A 48 -27.36 2.68 -17.15
N LEU A 49 -27.20 1.42 -16.79
CA LEU A 49 -26.22 0.55 -17.41
C LEU A 49 -26.93 -0.24 -18.53
N THR A 50 -26.39 -0.28 -19.75
CA THR A 50 -26.87 -1.29 -20.75
C THR A 50 -25.81 -2.16 -21.44
N LEU A 51 -25.84 -3.46 -21.14
CA LEU A 51 -24.95 -4.47 -21.74
C LEU A 51 -25.59 -5.19 -22.93
N ASP A 52 -25.05 -5.03 -24.15
CA ASP A 52 -25.62 -5.74 -25.36
C ASP A 52 -25.30 -7.28 -25.41
N ALA A 53 -26.13 -8.07 -26.10
CA ALA A 53 -25.87 -9.52 -26.14
C ALA A 53 -24.47 -9.74 -26.62
N ALA A 54 -24.08 -9.05 -27.68
CA ALA A 54 -22.69 -9.17 -28.19
C ALA A 54 -21.54 -8.94 -27.17
N ALA A 55 -21.85 -8.38 -25.98
CA ALA A 55 -20.81 -8.22 -24.92
C ALA A 55 -20.58 -9.54 -24.20
N PHE A 56 -21.50 -10.46 -24.43
CA PHE A 56 -21.57 -11.76 -23.79
C PHE A 56 -21.08 -12.84 -24.75
N GLU A 57 -20.13 -13.66 -24.31
CA GLU A 57 -19.78 -14.91 -25.03
C GLU A 57 -21.02 -15.66 -25.47
N SER A 58 -21.97 -15.82 -24.54
CA SER A 58 -23.23 -16.48 -24.80
C SER A 58 -24.35 -15.86 -23.94
N TYR A 59 -25.54 -15.76 -24.52
CA TYR A 59 -26.63 -15.00 -23.93
C TYR A 59 -27.96 -15.32 -24.65
N VAL A 65 -36.64 -10.25 -15.06
CA VAL A 65 -36.26 -9.28 -14.06
C VAL A 65 -35.98 -9.91 -12.73
N ILE A 66 -34.71 -10.00 -12.34
CA ILE A 66 -34.39 -10.47 -10.99
C ILE A 66 -33.82 -9.36 -10.12
N GLY A 67 -33.72 -9.60 -8.81
CA GLY A 67 -33.34 -8.54 -7.90
C GLY A 67 -32.17 -8.95 -7.03
N VAL A 68 -30.98 -8.44 -7.36
CA VAL A 68 -29.70 -8.93 -6.80
C VAL A 68 -29.09 -8.18 -5.61
N ASN A 69 -28.50 -8.93 -4.69
CA ASN A 69 -27.58 -8.29 -3.75
C ASN A 69 -26.23 -7.90 -4.41
N LEU A 70 -26.07 -6.62 -4.71
CA LEU A 70 -24.97 -6.22 -5.61
C LEU A 70 -23.54 -6.36 -5.07
N SER A 71 -23.32 -6.15 -3.79
CA SER A 71 -21.95 -6.20 -3.31
C SER A 71 -21.43 -7.65 -3.19
N ARG A 72 -22.37 -8.59 -3.17
CA ARG A 72 -21.95 -9.98 -3.02
C ARG A 72 -21.63 -10.53 -4.37
N LEU A 73 -22.40 -10.11 -5.37
CA LEU A 73 -22.15 -10.56 -6.73
C LEU A 73 -20.78 -10.07 -7.11
N GLU A 74 -20.41 -8.89 -6.64
CA GLU A 74 -19.09 -8.36 -7.00
C GLU A 74 -18.01 -9.23 -6.40
N GLU A 75 -18.14 -9.46 -5.12
CA GLU A 75 -17.22 -10.31 -4.39
C GLU A 75 -16.99 -11.66 -5.03
N VAL A 76 -18.05 -12.27 -5.54
CA VAL A 76 -17.86 -13.56 -6.25
C VAL A 76 -17.21 -13.41 -7.63
N ALA A 77 -17.67 -12.46 -8.41
CA ALA A 77 -17.00 -12.21 -9.68
C ALA A 77 -15.51 -11.92 -9.53
N GLY A 78 -15.05 -11.50 -8.35
CA GLY A 78 -13.61 -11.27 -8.14
C GLY A 78 -12.82 -12.57 -7.92
N MET A 79 -13.44 -13.71 -8.20
CA MET A 79 -12.79 -15.01 -8.02
C MET A 79 -12.34 -15.55 -9.39
N ALA A 80 -12.35 -14.69 -10.38
CA ALA A 80 -12.16 -15.13 -11.73
C ALA A 80 -10.82 -14.67 -12.27
N LEU A 85 -14.03 -16.51 -17.67
CA LEU A 85 -15.45 -16.51 -18.03
C LEU A 85 -16.33 -16.91 -16.84
N ILE A 86 -17.37 -16.13 -16.58
CA ILE A 86 -18.31 -16.47 -15.53
C ILE A 86 -19.55 -17.04 -16.16
N HIS A 87 -19.97 -18.19 -15.67
CA HIS A 87 -21.20 -18.75 -16.16
C HIS A 87 -22.32 -18.28 -15.29
N LEU A 88 -23.40 -17.77 -15.89
CA LEU A 88 -24.57 -17.38 -15.10
C LEU A 88 -25.74 -18.18 -15.61
N THR A 89 -26.42 -18.77 -14.64
CA THR A 89 -27.55 -19.62 -14.82
C THR A 89 -28.65 -19.13 -13.89
N LEU A 97 -29.18 -17.25 -6.75
CA LEU A 97 -28.58 -17.20 -8.08
C LEU A 97 -27.42 -18.18 -8.14
N ASN A 98 -27.21 -18.82 -9.30
CA ASN A 98 -26.08 -19.76 -9.49
C ASN A 98 -24.92 -19.29 -10.38
N ILE A 99 -23.74 -19.24 -9.77
CA ILE A 99 -22.53 -18.75 -10.39
C ILE A 99 -21.49 -19.89 -10.53
N ARG A 100 -20.75 -19.90 -11.63
CA ARG A 100 -19.70 -20.89 -11.83
C ARG A 100 -18.54 -20.24 -12.56
N ILE A 101 -17.35 -20.43 -12.01
CA ILE A 101 -16.16 -19.90 -12.60
C ILE A 101 -15.16 -21.02 -12.48
N ASP A 102 -15.05 -21.87 -13.50
CA ASP A 102 -14.24 -23.10 -13.45
C ASP A 102 -14.86 -24.12 -12.51
N GLY A 103 -14.12 -24.53 -11.50
CA GLY A 103 -14.61 -25.56 -10.58
C GLY A 103 -15.38 -24.94 -9.41
N LEU A 104 -15.47 -23.61 -9.40
CA LEU A 104 -16.03 -22.86 -8.25
C LEU A 104 -17.54 -22.62 -8.40
N SER A 105 -18.29 -23.22 -7.48
CA SER A 105 -19.74 -23.14 -7.52
C SER A 105 -20.29 -22.36 -6.36
N TYR A 106 -20.93 -21.26 -6.72
CA TYR A 106 -21.49 -20.35 -5.74
C TYR A 106 -22.97 -20.17 -6.03
N THR A 107 -23.79 -20.32 -5.00
CA THR A 107 -25.22 -20.13 -5.13
C THR A 107 -25.58 -18.93 -4.26
N LEU A 108 -26.18 -17.91 -4.88
CA LEU A 108 -26.41 -16.66 -4.17
C LEU A 108 -27.89 -16.39 -3.88
N ASP A 112 -36.37 -10.73 -4.76
CA ASP A 112 -37.64 -10.23 -5.32
C ASP A 112 -37.42 -8.81 -5.74
N PRO A 113 -37.49 -8.55 -7.07
CA PRO A 113 -37.45 -7.21 -7.66
C PRO A 113 -38.47 -6.17 -7.09
N ASP A 114 -39.43 -6.60 -6.25
CA ASP A 114 -40.44 -5.67 -5.74
C ASP A 114 -40.12 -5.30 -4.30
N SER A 115 -38.94 -5.73 -3.87
CA SER A 115 -38.33 -5.43 -2.55
C SER A 115 -37.60 -4.07 -2.50
N PRO A 120 -35.75 4.25 -11.73
CA PRO A 120 -35.94 5.68 -11.91
C PRO A 120 -36.12 6.07 -13.36
N ASP A 121 -36.72 7.24 -13.57
CA ASP A 121 -36.91 7.85 -14.87
C ASP A 121 -35.69 8.79 -15.14
N ILE A 122 -34.69 8.33 -15.87
CA ILE A 122 -33.69 9.25 -16.38
C ILE A 122 -34.28 10.10 -17.54
N PRO A 123 -34.69 11.35 -17.24
CA PRO A 123 -35.25 12.30 -18.22
C PRO A 123 -34.36 12.58 -19.42
N ASP A 124 -34.98 12.82 -20.57
CA ASP A 124 -34.23 13.34 -21.70
C ASP A 124 -34.15 14.83 -21.50
N LEU A 125 -32.94 15.34 -21.52
CA LEU A 125 -32.74 16.76 -21.42
C LEU A 125 -32.09 17.10 -22.72
N ASP A 126 -32.33 18.30 -23.21
CA ASP A 126 -31.48 18.88 -24.23
C ASP A 126 -30.76 19.87 -23.40
N LEU A 127 -29.67 19.44 -22.77
CA LEU A 127 -28.78 20.36 -22.05
C LEU A 127 -27.98 21.11 -23.06
N ALA A 128 -27.72 22.39 -22.83
CA ALA A 128 -27.14 23.19 -23.87
C ALA A 128 -25.77 22.70 -24.34
N ALA A 129 -25.02 22.00 -23.47
CA ALA A 129 -23.67 21.73 -23.93
C ALA A 129 -23.39 20.24 -23.95
N ASN A 130 -22.37 19.88 -24.74
CA ASN A 130 -21.96 18.50 -24.89
C ASN A 130 -20.44 18.50 -25.00
N ILE A 131 -19.77 17.76 -24.11
CA ILE A 131 -18.29 17.73 -24.17
C ILE A 131 -17.90 16.27 -24.22
N VAL A 132 -16.99 15.93 -25.14
CA VAL A 132 -16.41 14.57 -25.14
C VAL A 132 -14.93 14.71 -24.79
N LEU A 133 -14.53 13.91 -23.80
CA LEU A 133 -13.13 13.97 -23.35
C LEU A 133 -12.57 12.71 -22.76
N GLU A 134 -11.26 12.66 -22.71
CA GLU A 134 -10.61 11.48 -22.08
C GLU A 134 -10.92 11.45 -20.59
N GLY A 135 -11.37 10.31 -20.12
CA GLY A 135 -11.46 10.01 -18.67
C GLY A 135 -10.38 10.59 -17.77
N THR A 136 -9.10 10.46 -18.14
CA THR A 136 -8.03 11.02 -17.32
C THR A 136 -8.32 12.48 -16.90
N HIS A 137 -8.86 13.29 -17.83
CA HIS A 137 -9.07 14.67 -17.51
C HIS A 137 -10.01 14.86 -16.34
N LEU A 138 -11.10 14.14 -16.39
CA LEU A 138 -12.09 14.19 -15.32
C LEU A 138 -11.57 13.62 -13.96
N ASP A 139 -10.84 12.52 -13.98
CA ASP A 139 -10.06 12.10 -12.79
C ASP A 139 -9.28 13.23 -12.16
N ARG A 140 -8.42 13.76 -13.03
CA ARG A 140 -7.57 14.86 -12.71
C ARG A 140 -8.27 16.10 -12.16
N GLY A 141 -9.32 16.55 -12.82
CA GLY A 141 -10.06 17.70 -12.32
C GLY A 141 -10.68 17.43 -10.97
N ILE A 142 -11.19 16.22 -10.76
CA ILE A 142 -11.84 15.89 -9.47
C ILE A 142 -10.82 15.84 -8.32
N LYS A 143 -9.66 15.24 -8.57
CA LYS A 143 -8.59 15.13 -7.56
C LYS A 143 -8.12 16.53 -7.16
N ALA A 144 -7.91 17.42 -8.13
CA ALA A 144 -7.52 18.76 -7.81
C ALA A 144 -8.59 19.57 -7.06
N ALA A 145 -9.80 19.58 -7.58
CA ALA A 145 -10.92 20.23 -6.86
C ALA A 145 -11.06 19.79 -5.41
N ASP A 146 -10.93 18.47 -5.17
CA ASP A 146 -11.07 17.87 -3.80
C ASP A 146 -10.11 18.49 -2.72
N MET A 147 -8.90 18.88 -3.14
CA MET A 147 -7.93 19.57 -2.23
C MET A 147 -8.52 20.85 -1.65
N VAL A 148 -9.49 21.47 -2.33
CA VAL A 148 -9.97 22.75 -1.81
C VAL A 148 -11.42 22.79 -1.40
N SER A 149 -12.28 21.96 -1.99
CA SER A 149 -13.73 22.03 -1.58
C SER A 149 -14.38 20.65 -1.65
N ASP A 150 -15.62 20.52 -1.16
CA ASP A 150 -16.36 19.27 -1.40
C ASP A 150 -17.47 19.61 -2.43
N HIS A 151 -17.43 20.82 -2.97
CA HIS A 151 -18.21 21.21 -4.18
C HIS A 151 -17.37 21.39 -5.42
N ILE A 152 -17.84 20.84 -6.53
CA ILE A 152 -17.08 20.90 -7.82
C ILE A 152 -18.02 21.54 -8.85
N ARG A 153 -17.45 22.51 -9.59
CA ARG A 153 -18.13 23.26 -10.65
C ARG A 153 -17.71 22.80 -12.04
N LEU A 154 -18.68 22.53 -12.92
CA LEU A 154 -18.43 22.10 -14.33
C LEU A 154 -18.93 23.27 -15.18
N ARG A 155 -18.10 23.85 -16.04
CA ARG A 155 -18.51 25.09 -16.63
C ARG A 155 -18.01 25.06 -18.04
N VAL A 156 -18.76 25.68 -19.00
CA VAL A 156 -18.22 25.77 -20.38
C VAL A 156 -17.94 27.28 -20.70
N ASP A 157 -16.90 27.59 -21.45
CA ASP A 157 -16.69 28.99 -21.86
C ASP A 157 -17.08 28.91 -23.31
N GLY A 158 -18.29 29.38 -23.62
CA GLY A 158 -18.78 29.18 -25.00
C GLY A 158 -17.84 29.76 -26.08
N ALA A 159 -17.38 30.98 -25.84
CA ALA A 159 -16.53 31.70 -26.78
C ALA A 159 -15.35 30.88 -27.18
N GLU A 160 -14.54 30.49 -26.17
CA GLU A 160 -13.35 29.70 -26.37
C GLU A 160 -13.58 28.21 -26.41
N GLU A 161 -14.84 27.78 -26.50
CA GLU A 161 -15.16 26.34 -26.55
C GLU A 161 -14.21 25.55 -25.63
N THR A 162 -14.16 25.94 -24.34
CA THR A 162 -13.22 25.44 -23.31
C THR A 162 -14.03 24.93 -22.10
N PHE A 163 -13.81 23.67 -21.72
CA PHE A 163 -14.58 23.05 -20.61
C PHE A 163 -13.74 23.32 -19.36
N HIS A 164 -14.36 23.81 -18.28
CA HIS A 164 -13.61 23.95 -17.02
C HIS A 164 -14.17 23.02 -15.93
N ILE A 165 -13.24 22.47 -15.17
CA ILE A 165 -13.55 21.73 -13.95
C ILE A 165 -12.90 22.52 -12.85
N GLU A 166 -13.70 23.07 -11.95
CA GLU A 166 -13.17 24.02 -11.06
C GLU A 166 -13.75 23.99 -9.66
N ALA A 167 -12.98 24.51 -8.71
CA ALA A 167 -13.46 24.64 -7.35
C ALA A 167 -12.94 25.86 -6.64
N GLU A 168 -13.73 26.31 -5.66
CA GLU A 168 -13.36 27.47 -4.90
C GLU A 168 -13.37 27.16 -3.37
N GLY A 169 -12.19 27.34 -2.75
CA GLY A 169 -12.06 27.16 -1.34
C GLY A 169 -12.22 28.38 -0.43
N ASP A 170 -11.89 28.14 0.83
CA ASP A 170 -11.91 29.25 1.81
C ASP A 170 -11.03 30.39 1.35
N THR A 171 -9.83 30.07 0.88
CA THR A 171 -8.92 31.10 0.37
C THR A 171 -8.32 30.77 -0.99
N ASP A 172 -8.23 29.49 -1.34
CA ASP A 172 -7.59 29.01 -2.59
C ASP A 172 -8.63 28.54 -3.65
N ASP A 173 -8.18 28.40 -4.90
CA ASP A 173 -9.06 28.08 -6.06
C ASP A 173 -8.29 27.20 -7.00
N VAL A 174 -8.98 26.34 -7.73
CA VAL A 174 -8.34 25.53 -8.76
C VAL A 174 -9.28 25.52 -9.99
N ASP A 175 -8.71 25.36 -11.18
CA ASP A 175 -9.44 25.42 -12.42
C ASP A 175 -8.62 24.57 -13.39
N LEU A 176 -9.12 23.36 -13.70
CA LEU A 176 -8.58 22.62 -14.85
C LEU A 176 -9.27 23.10 -16.12
N SER A 177 -8.51 23.82 -16.97
CA SER A 177 -9.06 24.46 -18.15
C SER A 177 -8.74 23.58 -19.37
N LEU A 178 -9.77 23.12 -20.06
CA LEU A 178 -9.55 22.16 -21.13
C LEU A 178 -10.01 22.73 -22.49
N PRO A 179 -9.10 23.40 -23.19
CA PRO A 179 -9.57 23.93 -24.48
C PRO A 179 -9.73 22.85 -25.57
N PRO A 180 -10.11 23.27 -26.79
CA PRO A 180 -10.39 22.33 -27.83
C PRO A 180 -9.25 21.30 -28.00
N ALA A 181 -8.01 21.75 -27.99
CA ALA A 181 -6.83 20.87 -28.17
C ALA A 181 -6.80 19.70 -27.19
N ASP A 182 -7.48 19.87 -26.02
CA ASP A 182 -7.40 18.84 -25.00
C ASP A 182 -8.67 18.06 -24.88
N LEU A 183 -9.57 18.25 -25.85
CA LEU A 183 -10.87 17.56 -25.94
C LEU A 183 -10.98 16.62 -27.14
N ILE A 184 -11.87 15.65 -27.00
CA ILE A 184 -12.37 14.80 -28.06
C ILE A 184 -13.41 15.55 -28.94
N SER A 185 -14.49 16.06 -28.35
CA SER A 185 -15.33 17.06 -29.04
C SER A 185 -16.03 18.10 -28.08
N ILE A 186 -16.64 19.13 -28.63
CA ILE A 186 -17.43 20.02 -27.78
C ILE A 186 -18.52 20.75 -28.59
N GLU A 187 -19.73 20.73 -28.03
CA GLU A 187 -20.80 21.59 -28.48
C GLU A 187 -20.91 22.59 -27.34
N ALA A 188 -20.36 23.78 -27.56
CA ALA A 188 -20.20 24.72 -26.47
C ALA A 188 -21.37 25.65 -26.14
N GLY A 189 -22.55 25.10 -25.86
CA GLY A 189 -23.59 25.93 -25.18
C GLY A 189 -23.19 26.50 -23.82
N ALA A 190 -23.86 27.58 -23.43
CA ALA A 190 -23.79 28.14 -22.06
C ALA A 190 -24.08 27.10 -20.99
N ALA A 191 -23.21 26.89 -20.02
CA ALA A 191 -23.50 25.87 -19.01
C ALA A 191 -22.55 26.13 -17.88
N ASP A 192 -23.03 25.93 -16.66
CA ASP A 192 -22.25 26.23 -15.49
C ASP A 192 -23.21 25.67 -14.41
N SER A 193 -22.85 24.53 -13.81
CA SER A 193 -23.63 23.98 -12.68
C SER A 193 -22.65 23.52 -11.57
N LEU A 194 -23.11 23.49 -10.32
CA LEU A 194 -22.33 23.13 -9.16
C LEU A 194 -22.83 21.77 -8.59
N PHE A 195 -21.90 20.94 -8.13
CA PHE A 195 -22.23 19.54 -7.68
C PHE A 195 -21.50 19.08 -6.43
N SER A 196 -22.10 18.10 -5.77
CA SER A 196 -21.41 17.36 -4.75
C SER A 196 -20.23 16.63 -5.39
N LEU A 197 -19.04 16.98 -4.93
CA LEU A 197 -17.84 16.39 -5.49
C LEU A 197 -17.78 14.92 -5.06
N ASP A 198 -18.27 14.56 -3.86
CA ASP A 198 -18.13 13.17 -3.43
C ASP A 198 -18.90 12.22 -4.30
N TYR A 199 -20.10 12.64 -4.75
CA TYR A 199 -20.87 11.77 -5.63
C TYR A 199 -20.17 11.69 -7.00
N LEU A 200 -19.70 12.82 -7.55
CA LEU A 200 -18.99 12.84 -8.89
C LEU A 200 -17.75 11.94 -8.83
N LYS A 201 -17.08 12.01 -7.70
CA LYS A 201 -15.84 11.22 -7.41
C LYS A 201 -16.14 9.72 -7.33
N ASP A 202 -17.22 9.33 -6.63
CA ASP A 202 -17.67 7.95 -6.60
C ASP A 202 -17.98 7.44 -8.03
N MET A 203 -18.77 8.21 -8.76
CA MET A 203 -19.10 7.87 -10.13
C MET A 203 -17.85 7.62 -10.93
N ASN A 204 -16.97 8.62 -10.96
CA ASN A 204 -15.68 8.54 -11.68
C ASN A 204 -14.85 7.30 -11.39
N LYS A 205 -14.88 6.84 -10.13
CA LYS A 205 -14.24 5.58 -9.67
C LYS A 205 -14.54 4.39 -10.54
N ALA A 206 -15.77 4.27 -11.04
CA ALA A 206 -16.17 3.01 -11.74
C ALA A 206 -15.87 3.06 -13.22
N ILE A 207 -15.62 4.27 -13.70
CA ILE A 207 -15.34 4.51 -15.10
C ILE A 207 -13.92 4.01 -15.43
N PRO A 208 -13.79 3.15 -16.44
CA PRO A 208 -12.45 2.58 -16.79
C PRO A 208 -11.39 3.59 -17.06
N THR A 209 -10.13 3.25 -16.80
CA THR A 209 -9.08 4.30 -16.88
C THR A 209 -8.84 5.00 -18.31
N ASP A 210 -9.18 4.33 -19.41
CA ASP A 210 -8.95 5.00 -20.71
C ASP A 210 -10.26 5.25 -21.50
N ALA A 211 -11.43 5.08 -20.83
CA ALA A 211 -12.78 5.45 -21.33
C ALA A 211 -12.86 6.88 -21.90
N GLU A 212 -13.58 7.07 -23.00
CA GLU A 212 -13.93 8.42 -23.45
C GLU A 212 -15.26 8.77 -22.75
N VAL A 213 -15.34 9.94 -22.16
CA VAL A 213 -16.55 10.27 -21.38
C VAL A 213 -17.27 11.43 -22.03
N THR A 214 -18.57 11.26 -22.25
CA THR A 214 -19.38 12.37 -22.82
C THR A 214 -20.17 13.01 -21.69
N VAL A 215 -20.13 14.34 -21.62
CA VAL A 215 -20.75 15.09 -20.53
C VAL A 215 -21.85 15.97 -21.12
N GLU A 216 -23.06 15.86 -20.61
CA GLU A 216 -24.02 16.90 -20.98
C GLU A 216 -24.31 17.76 -19.77
N LEU A 217 -24.35 19.05 -20.03
CA LEU A 217 -24.20 20.10 -19.00
C LEU A 217 -25.00 21.34 -19.37
N GLY A 218 -25.65 21.97 -18.41
CA GLY A 218 -26.38 23.23 -18.67
C GLY A 218 -26.17 24.10 -17.43
N GLU A 219 -27.16 24.96 -17.18
CA GLU A 219 -27.03 26.07 -16.24
C GLU A 219 -27.97 25.72 -15.09
N GLU A 220 -27.36 25.44 -13.94
CA GLU A 220 -28.01 24.92 -12.74
C GLU A 220 -28.98 23.82 -13.06
N PHE A 221 -28.44 22.72 -13.59
CA PHE A 221 -29.20 21.58 -14.09
C PHE A 221 -28.38 20.34 -13.74
N PRO A 222 -29.00 19.13 -13.76
CA PRO A 222 -28.17 17.96 -13.56
C PRO A 222 -27.14 17.85 -14.66
N VAL A 223 -26.05 17.14 -14.38
CA VAL A 223 -25.08 16.69 -15.35
C VAL A 223 -25.40 15.23 -15.70
N LYS A 224 -25.16 14.88 -16.96
CA LYS A 224 -25.08 13.47 -17.36
C LYS A 224 -23.70 13.08 -17.81
N LEU A 225 -23.25 11.89 -17.48
CA LEU A 225 -22.00 11.32 -18.01
C LEU A 225 -22.32 10.03 -18.70
N HIS A 226 -21.72 9.87 -19.90
CA HIS A 226 -21.97 8.71 -20.75
C HIS A 226 -20.64 8.10 -21.04
N TYR A 227 -20.57 6.79 -20.87
CA TYR A 227 -19.41 6.10 -21.35
C TYR A 227 -19.70 4.69 -21.76
N GLN A 228 -18.77 4.08 -22.50
CA GLN A 228 -18.98 2.73 -23.00
C GLN A 228 -18.02 1.73 -22.35
N ILE A 229 -18.49 0.49 -22.20
CA ILE A 229 -17.62 -0.63 -21.76
C ILE A 229 -17.73 -1.78 -22.79
N ALA A 230 -17.07 -2.90 -22.49
CA ALA A 230 -17.15 -4.12 -23.31
C ALA A 230 -16.89 -3.81 -24.77
N GLU A 231 -15.90 -2.97 -25.03
CA GLU A 231 -15.53 -2.49 -26.38
C GLU A 231 -16.60 -1.66 -27.10
N GLY A 232 -17.37 -0.89 -26.36
CA GLY A 232 -18.42 -0.14 -26.99
C GLY A 232 -19.63 -1.03 -27.10
N MET A 233 -19.54 -2.20 -26.48
CA MET A 233 -20.67 -3.15 -26.44
C MET A 233 -21.58 -2.83 -25.29
N GLY A 234 -21.05 -2.04 -24.34
CA GLY A 234 -21.77 -1.60 -23.13
C GLY A 234 -21.75 -0.08 -22.96
N THR A 235 -22.88 0.44 -22.52
CA THR A 235 -23.01 1.87 -22.33
C THR A 235 -23.55 2.17 -20.93
N ILE A 236 -22.91 3.11 -20.22
CA ILE A 236 -23.38 3.52 -18.90
C ILE A 236 -23.73 5.02 -18.96
N THR A 237 -24.84 5.38 -18.30
CA THR A 237 -25.16 6.78 -18.12
C THR A 237 -25.30 7.04 -16.66
N TYR A 238 -24.72 8.13 -16.21
CA TYR A 238 -24.99 8.65 -14.92
C TYR A 238 -25.67 9.99 -15.05
N MET A 239 -26.48 10.29 -14.04
CA MET A 239 -27.03 11.64 -13.92
C MET A 239 -26.89 12.12 -12.52
N LEU A 240 -26.40 13.33 -12.33
CA LEU A 240 -26.21 13.84 -10.95
C LEU A 240 -26.92 15.18 -10.76
N ALA A 241 -27.80 15.25 -9.74
CA ALA A 241 -28.62 16.47 -9.47
C ALA A 241 -27.66 17.59 -9.04
N PRO A 242 -27.95 18.87 -9.37
CA PRO A 242 -27.05 19.94 -9.07
C PRO A 242 -27.11 20.43 -7.60
N ARG A 243 -26.15 21.22 -7.15
CA ARG A 243 -26.31 21.96 -5.87
C ARG A 243 -26.28 23.47 -6.15
N PHE B 2 25.42 -23.23 20.20
CA PHE B 2 24.62 -23.15 18.97
C PHE B 2 25.15 -22.13 17.95
N LYS B 3 25.41 -22.57 16.72
CA LYS B 3 25.86 -21.69 15.64
C LYS B 3 25.41 -22.13 14.26
N ALA B 4 24.71 -21.24 13.60
CA ALA B 4 24.04 -21.58 12.41
C ALA B 4 24.14 -20.36 11.59
N ILE B 5 24.28 -20.58 10.32
CA ILE B 5 24.13 -19.59 9.30
C ILE B 5 23.05 -20.08 8.36
N VAL B 6 22.03 -19.26 8.11
CA VAL B 6 20.91 -19.68 7.25
C VAL B 6 20.37 -18.59 6.34
N SER B 7 19.82 -18.97 5.21
CA SER B 7 19.28 -17.99 4.28
C SER B 7 17.98 -17.33 4.81
N ALA B 8 17.83 -16.04 4.52
CA ALA B 8 16.71 -15.24 4.97
C ALA B 8 15.36 -15.81 4.55
N ALA B 9 15.23 -16.16 3.29
CA ALA B 9 13.99 -16.68 2.85
C ALA B 9 13.65 -17.99 3.60
N THR B 10 14.66 -18.84 3.92
CA THR B 10 14.38 -20.05 4.73
C THR B 10 13.87 -19.80 6.13
N LEU B 11 14.58 -18.92 6.88
CA LEU B 11 14.25 -18.69 8.25
C LEU B 11 12.87 -18.02 8.35
N ARG B 12 12.60 -17.11 7.40
CA ARG B 12 11.32 -16.46 7.34
C ARG B 12 10.21 -17.48 7.08
N ASP B 13 10.45 -18.35 6.11
CA ASP B 13 9.40 -19.33 5.78
C ASP B 13 9.19 -20.18 7.01
N ALA B 14 10.27 -20.48 7.71
CA ALA B 14 10.27 -21.38 8.87
C ALA B 14 9.51 -20.77 10.05
N LEU B 15 9.86 -19.52 10.35
CA LEU B 15 9.19 -18.85 11.50
C LEU B 15 7.73 -18.45 11.22
N ASP B 16 7.44 -18.13 9.98
CA ASP B 16 6.07 -17.76 9.64
C ASP B 16 5.09 -18.89 10.02
N SER B 17 5.48 -20.14 9.77
CA SER B 17 4.53 -21.26 10.01
C SER B 17 4.17 -21.29 11.49
N VAL B 18 5.17 -21.18 12.35
CA VAL B 18 4.89 -21.07 13.80
C VAL B 18 4.12 -19.82 14.24
N SER B 19 4.45 -18.66 13.64
CA SER B 19 3.92 -17.36 14.05
C SER B 19 2.40 -17.26 13.89
N VAL B 20 1.92 -17.92 12.85
CA VAL B 20 0.50 -18.05 12.59
C VAL B 20 -0.30 -18.43 13.81
N LEU B 21 0.32 -19.17 14.70
CA LEU B 21 -0.43 -19.73 15.82
C LEU B 21 -0.07 -19.14 17.17
N VAL B 22 1.18 -18.77 17.39
CA VAL B 22 1.61 -18.34 18.72
C VAL B 22 2.60 -17.16 18.60
N ASP B 23 2.74 -16.42 19.71
CA ASP B 23 3.66 -15.26 19.76
C ASP B 23 5.00 -15.61 20.38
N GLU B 24 5.08 -16.73 21.08
CA GLU B 24 6.38 -17.20 21.58
C GLU B 24 6.44 -18.72 21.42
N CYS B 25 7.62 -19.32 21.55
CA CYS B 25 7.74 -20.78 21.34
C CYS B 25 9.07 -21.29 21.89
N LYS B 26 9.15 -22.59 22.15
CA LYS B 26 10.41 -23.27 22.37
C LYS B 26 11.03 -23.71 21.08
N ILE B 27 12.31 -23.47 20.90
CA ILE B 27 13.02 -23.97 19.76
C ILE B 27 14.01 -25.00 20.30
N ARG B 28 13.86 -26.25 19.88
CA ARG B 28 14.77 -27.31 20.31
C ARG B 28 15.93 -27.31 19.36
N LEU B 29 17.09 -27.04 19.93
CA LEU B 29 18.28 -26.96 19.12
C LEU B 29 18.85 -28.37 19.03
N ASN B 30 18.62 -29.09 17.93
CA ASN B 30 19.04 -30.50 17.87
C ASN B 30 20.23 -30.70 16.95
N GLU B 31 20.90 -31.85 17.12
CA GLU B 31 22.18 -32.08 16.46
C GLU B 31 21.99 -32.08 14.95
N GLU B 32 20.90 -32.70 14.52
CA GLU B 32 20.68 -32.88 13.09
C GLU B 32 19.60 -31.96 12.50
N SER B 33 18.89 -31.26 13.35
CA SER B 33 17.75 -30.50 12.89
C SER B 33 17.29 -29.46 13.94
N LEU B 34 16.74 -28.35 13.46
CA LEU B 34 16.16 -27.37 14.35
C LEU B 34 14.65 -27.63 14.33
N SER B 35 14.00 -27.75 15.48
CA SER B 35 12.53 -27.96 15.48
C SER B 35 11.74 -27.11 16.48
N ILE B 36 10.53 -26.73 16.07
CA ILE B 36 9.57 -26.06 16.90
C ILE B 36 8.21 -26.76 16.85
N ARG B 37 7.56 -26.93 17.99
CA ARG B 37 6.17 -27.34 17.95
C ARG B 37 5.36 -26.55 18.96
N ALA B 38 4.18 -26.11 18.55
CA ALA B 38 3.32 -25.32 19.43
C ALA B 38 1.84 -25.60 19.20
N VAL B 39 1.02 -25.20 20.17
CA VAL B 39 -0.43 -25.22 20.03
C VAL B 39 -0.97 -23.84 20.41
N ASP B 40 -2.04 -23.38 19.74
CA ASP B 40 -2.56 -22.04 20.11
C ASP B 40 -3.20 -22.11 21.50
N PRO B 41 -3.57 -20.96 22.05
CA PRO B 41 -4.15 -20.90 23.38
C PRO B 41 -5.51 -21.59 23.50
N ALA B 42 -6.36 -21.48 22.46
CA ALA B 42 -7.64 -22.16 22.51
C ALA B 42 -7.44 -23.65 22.36
N ASN B 43 -6.20 -24.08 22.22
CA ASN B 43 -5.94 -25.52 22.08
C ASN B 43 -6.63 -26.19 20.86
N VAL B 44 -6.75 -25.45 19.76
CA VAL B 44 -7.40 -25.98 18.56
C VAL B 44 -6.43 -26.27 17.37
N GLY B 45 -5.38 -25.47 17.22
CA GLY B 45 -4.42 -25.63 16.10
C GLY B 45 -3.04 -25.93 16.61
N MET B 46 -2.26 -26.73 15.89
CA MET B 46 -0.91 -27.18 16.35
C MET B 46 -0.04 -27.13 15.11
N VAL B 47 1.23 -26.86 15.29
CA VAL B 47 2.16 -26.88 14.15
C VAL B 47 3.36 -27.63 14.61
N ASP B 48 4.02 -28.32 13.67
CA ASP B 48 5.25 -29.05 13.96
C ASP B 48 6.21 -28.76 12.83
N LEU B 49 7.30 -28.06 13.14
CA LEU B 49 8.26 -27.66 12.08
C LEU B 49 9.54 -28.42 12.34
N THR B 50 10.16 -28.97 11.28
CA THR B 50 11.48 -29.60 11.33
C THR B 50 12.43 -28.95 10.33
N LEU B 51 13.50 -28.37 10.83
CA LEU B 51 14.40 -27.68 9.96
C LEU B 51 15.72 -28.50 10.06
N ASP B 52 16.03 -29.24 9.00
CA ASP B 52 17.16 -30.18 9.06
C ASP B 52 18.45 -29.39 8.90
N ALA B 53 19.55 -29.94 9.41
CA ALA B 53 20.88 -29.39 9.13
C ALA B 53 21.01 -28.96 7.70
N ALA B 54 20.71 -29.86 6.76
CA ALA B 54 21.00 -29.58 5.37
C ALA B 54 20.30 -28.31 4.90
N ALA B 55 19.46 -27.70 5.72
CA ALA B 55 18.90 -26.44 5.26
C ALA B 55 19.82 -25.29 5.67
N PHE B 56 20.64 -25.46 6.69
CA PHE B 56 21.54 -24.37 7.06
C PHE B 56 22.88 -24.45 6.30
N GLU B 57 23.31 -23.33 5.71
CA GLU B 57 24.69 -23.19 5.14
C GLU B 57 25.78 -23.75 6.08
N SER B 58 25.59 -23.47 7.38
CA SER B 58 26.38 -24.08 8.44
C SER B 58 25.41 -24.32 9.56
N TYR B 59 25.61 -25.39 10.32
CA TYR B 59 24.71 -25.66 11.43
C TYR B 59 25.35 -26.53 12.49
N GLU B 60 25.70 -25.96 13.62
CA GLU B 60 26.25 -26.80 14.66
C GLU B 60 25.39 -26.58 15.86
N ALA B 61 24.88 -27.67 16.42
CA ALA B 61 24.11 -27.59 17.62
C ALA B 61 24.32 -28.89 18.34
N HIS B 62 23.83 -28.96 19.56
CA HIS B 62 24.37 -29.86 20.54
C HIS B 62 23.34 -30.08 21.67
N GLY B 63 22.06 -29.96 21.37
CA GLY B 63 20.98 -30.47 22.26
C GLY B 63 20.18 -29.50 23.13
N GLY B 64 20.45 -28.21 23.01
CA GLY B 64 19.80 -27.30 23.94
C GLY B 64 18.40 -26.96 23.49
N VAL B 65 17.80 -26.01 24.21
CA VAL B 65 16.47 -25.51 23.91
C VAL B 65 16.41 -24.09 24.43
N ILE B 66 15.66 -23.21 23.76
CA ILE B 66 15.57 -21.79 24.09
C ILE B 66 14.18 -21.27 23.89
N GLY B 67 13.83 -20.25 24.65
CA GLY B 67 12.54 -19.63 24.50
C GLY B 67 12.67 -18.32 23.77
N VAL B 68 11.72 -18.03 22.91
CA VAL B 68 11.92 -16.94 21.99
C VAL B 68 10.64 -16.14 21.86
N ASN B 69 10.78 -14.82 21.79
CA ASN B 69 9.67 -13.96 21.35
C ASN B 69 9.65 -13.93 19.83
N LEU B 70 8.64 -14.56 19.23
CA LEU B 70 8.68 -14.84 17.79
C LEU B 70 8.50 -13.58 16.97
N SER B 71 7.61 -12.71 17.39
CA SER B 71 7.33 -11.51 16.64
C SER B 71 8.63 -10.74 16.37
N ARG B 72 9.48 -10.65 17.39
CA ARG B 72 10.69 -9.87 17.27
C ARG B 72 11.71 -10.57 16.40
N LEU B 73 11.90 -11.88 16.59
CA LEU B 73 12.91 -12.56 15.79
C LEU B 73 12.50 -12.46 14.35
N GLU B 74 11.18 -12.53 14.11
CA GLU B 74 10.61 -12.37 12.76
C GLU B 74 10.86 -10.99 12.16
N GLU B 75 10.59 -9.95 12.93
CA GLU B 75 10.86 -8.65 12.45
C GLU B 75 12.34 -8.46 12.13
N VAL B 76 13.23 -9.02 12.96
CA VAL B 76 14.66 -8.98 12.63
C VAL B 76 15.03 -9.64 11.31
N ALA B 77 14.54 -10.87 11.08
CA ALA B 77 14.87 -11.58 9.87
C ALA B 77 14.30 -10.81 8.70
N GLY B 78 13.18 -10.14 8.93
CA GLY B 78 12.58 -9.28 7.90
C GLY B 78 13.56 -8.29 7.31
N MET B 79 14.67 -8.04 7.98
CA MET B 79 15.60 -6.98 7.55
C MET B 79 16.57 -7.44 6.48
N ALA B 80 16.59 -8.73 6.16
CA ALA B 80 17.63 -9.22 5.25
C ALA B 80 17.15 -9.17 3.79
N GLY B 81 18.08 -9.10 2.83
CA GLY B 81 17.78 -9.53 1.44
C GLY B 81 17.46 -11.01 1.53
N ALA B 82 16.40 -11.49 0.89
CA ALA B 82 16.05 -12.95 0.95
C ALA B 82 17.29 -13.79 0.59
N GLY B 83 18.15 -13.20 -0.26
CA GLY B 83 19.44 -13.79 -0.61
C GLY B 83 20.45 -13.77 0.53
N ASP B 84 20.28 -12.87 1.48
CA ASP B 84 21.30 -12.71 2.54
C ASP B 84 21.39 -13.83 3.57
N LEU B 85 22.57 -14.02 4.12
CA LEU B 85 22.74 -15.01 5.15
C LEU B 85 22.49 -14.44 6.57
N ILE B 86 21.85 -15.19 7.42
CA ILE B 86 21.70 -14.72 8.80
C ILE B 86 22.55 -15.61 9.62
N HIS B 87 23.36 -14.98 10.49
CA HIS B 87 24.21 -15.69 11.41
C HIS B 87 23.55 -15.72 12.77
N LEU B 88 23.34 -16.92 13.27
CA LEU B 88 22.77 -17.08 14.61
C LEU B 88 23.80 -17.60 15.60
N THR B 89 23.92 -16.94 16.72
CA THR B 89 24.88 -17.40 17.67
C THR B 89 24.32 -17.23 19.06
N LEU B 90 24.47 -18.30 19.81
CA LEU B 90 23.99 -18.35 21.14
C LEU B 90 25.18 -18.15 22.08
N LYS B 96 20.70 -14.70 25.89
CA LYS B 96 20.54 -13.90 24.63
C LYS B 96 20.98 -14.58 23.33
N LEU B 97 20.27 -14.33 22.24
CA LEU B 97 20.68 -14.85 20.92
C LEU B 97 21.18 -13.72 20.02
N ASN B 98 22.33 -13.93 19.41
CA ASN B 98 22.89 -12.91 18.56
C ASN B 98 22.65 -13.25 17.12
N ILE B 99 22.09 -12.26 16.44
CA ILE B 99 21.68 -12.37 15.06
C ILE B 99 22.33 -11.32 14.18
N ARG B 100 23.20 -11.76 13.29
CA ARG B 100 23.95 -10.85 12.48
C ARG B 100 23.65 -11.05 11.00
N ILE B 101 23.50 -9.95 10.31
CA ILE B 101 23.07 -9.93 8.94
C ILE B 101 23.89 -8.81 8.31
N ASP B 102 24.91 -9.14 7.48
CA ASP B 102 25.67 -8.10 6.82
C ASP B 102 26.31 -7.31 8.00
N GLY B 103 26.24 -5.99 8.03
CA GLY B 103 26.98 -5.35 9.14
C GLY B 103 26.11 -5.16 10.37
N LEU B 104 24.90 -5.74 10.36
CA LEU B 104 23.87 -5.54 11.43
C LEU B 104 23.86 -6.60 12.53
N SER B 105 24.14 -6.21 13.76
CA SER B 105 23.95 -7.19 14.83
C SER B 105 22.96 -6.83 15.95
N TYR B 106 22.10 -7.80 16.18
CA TYR B 106 20.97 -7.61 17.06
C TYR B 106 21.14 -8.54 18.25
N THR B 107 20.94 -8.06 19.48
CA THR B 107 20.97 -8.94 20.65
C THR B 107 19.56 -9.15 21.21
N LEU B 108 19.12 -10.41 21.13
CA LEU B 108 17.75 -10.67 21.47
C LEU B 108 17.80 -11.49 22.74
N ALA B 109 17.17 -10.97 23.76
CA ALA B 109 17.11 -11.62 25.06
C ALA B 109 16.21 -12.86 25.02
N LEU B 110 16.77 -14.04 25.29
CA LEU B 110 15.94 -15.27 25.28
C LEU B 110 14.64 -15.17 26.15
N ILE B 111 13.94 -16.29 26.32
CA ILE B 111 12.92 -16.42 27.36
C ILE B 111 13.00 -17.78 28.10
N ASP B 112 12.64 -17.78 29.40
CA ASP B 112 12.69 -19.03 30.15
C ASP B 112 11.74 -19.99 29.44
N PRO B 113 12.29 -21.08 28.91
CA PRO B 113 11.41 -22.07 28.25
C PRO B 113 10.31 -22.58 29.18
N ASP B 114 10.63 -22.70 30.47
CA ASP B 114 9.67 -23.14 31.49
C ASP B 114 8.56 -22.11 31.64
N SER B 115 8.82 -20.88 31.24
CA SER B 115 7.75 -19.87 31.18
C SER B 115 6.75 -20.01 30.02
N ILE B 116 6.91 -21.03 29.18
CA ILE B 116 6.07 -21.11 27.99
C ILE B 116 5.14 -22.33 28.00
N ARG B 117 4.00 -22.18 27.34
CA ARG B 117 3.01 -23.24 27.13
C ARG B 117 3.68 -24.51 26.66
N GLN B 118 3.30 -25.61 27.30
CA GLN B 118 3.77 -26.95 26.96
C GLN B 118 3.61 -27.22 25.48
N GLU B 119 4.61 -27.87 24.91
CA GLU B 119 4.59 -28.21 23.52
C GLU B 119 3.67 -29.43 23.37
N PRO B 120 2.78 -29.39 22.39
CA PRO B 120 1.91 -30.52 22.03
C PRO B 120 2.72 -31.58 21.30
N ASP B 121 2.19 -32.80 21.21
CA ASP B 121 2.63 -33.70 20.11
C ASP B 121 1.46 -33.92 19.09
N ILE B 122 1.75 -33.87 17.80
CA ILE B 122 0.75 -34.10 16.80
C ILE B 122 0.56 -35.62 16.89
N PRO B 123 -0.68 -36.10 17.10
CA PRO B 123 -0.83 -37.57 17.30
C PRO B 123 -0.65 -38.36 16.00
N LEU B 127 -5.73 -41.49 9.06
CA LEU B 127 -6.92 -40.85 8.48
C LEU B 127 -7.22 -41.50 7.11
N ALA B 128 -8.51 -41.63 6.73
CA ALA B 128 -8.87 -42.39 5.53
C ALA B 128 -8.46 -41.81 4.16
N ALA B 129 -8.62 -40.48 3.95
CA ALA B 129 -8.29 -39.80 2.66
C ALA B 129 -6.93 -39.08 2.69
N ASN B 130 -6.33 -38.90 1.51
CA ASN B 130 -5.05 -38.21 1.40
C ASN B 130 -5.10 -37.44 0.10
N ILE B 131 -4.87 -36.16 0.20
CA ILE B 131 -4.99 -35.37 -0.96
C ILE B 131 -3.69 -34.54 -1.06
N VAL B 132 -3.05 -34.61 -2.23
CA VAL B 132 -1.94 -33.70 -2.54
C VAL B 132 -2.42 -32.74 -3.59
N LEU B 133 -2.31 -31.45 -3.31
CA LEU B 133 -2.63 -30.49 -4.35
C LEU B 133 -1.73 -29.30 -4.29
N GLU B 134 -1.89 -28.42 -5.26
CA GLU B 134 -1.13 -27.16 -5.41
C GLU B 134 -1.75 -26.13 -4.48
N GLY B 135 -0.94 -25.45 -3.65
CA GLY B 135 -1.45 -24.57 -2.59
C GLY B 135 -2.47 -23.63 -3.15
N THR B 136 -2.29 -23.23 -4.37
CA THR B 136 -3.23 -22.30 -4.98
C THR B 136 -4.73 -22.67 -4.94
N HIS B 137 -5.03 -23.96 -4.88
CA HIS B 137 -6.42 -24.32 -4.77
C HIS B 137 -6.95 -24.16 -3.33
N LEU B 138 -6.11 -24.43 -2.34
CA LEU B 138 -6.43 -24.13 -0.94
C LEU B 138 -6.67 -22.63 -0.73
N ASP B 139 -5.80 -21.75 -1.30
CA ASP B 139 -6.12 -20.29 -1.32
C ASP B 139 -7.49 -19.90 -1.84
N ARG B 140 -7.77 -20.29 -3.07
CA ARG B 140 -9.02 -20.05 -3.71
C ARG B 140 -10.23 -20.60 -2.91
N GLY B 141 -10.15 -21.89 -2.61
CA GLY B 141 -11.18 -22.55 -1.82
C GLY B 141 -11.45 -21.74 -0.53
N ILE B 142 -10.39 -21.51 0.26
CA ILE B 142 -10.54 -20.69 1.48
C ILE B 142 -11.15 -19.29 1.27
N LYS B 143 -10.67 -18.57 0.26
CA LYS B 143 -11.18 -17.23 -0.08
C LYS B 143 -12.67 -17.23 -0.44
N ALA B 144 -13.06 -18.11 -1.36
CA ALA B 144 -14.47 -18.34 -1.65
C ALA B 144 -15.37 -18.66 -0.41
N ALA B 145 -15.07 -19.72 0.32
CA ALA B 145 -15.76 -20.11 1.54
C ALA B 145 -16.02 -18.94 2.54
N ASP B 146 -15.04 -18.04 2.65
CA ASP B 146 -15.03 -17.00 3.67
C ASP B 146 -16.12 -15.98 3.39
N MET B 147 -16.41 -15.78 2.11
CA MET B 147 -17.48 -14.88 1.67
C MET B 147 -18.89 -15.27 2.25
N VAL B 148 -19.03 -16.53 2.58
CA VAL B 148 -20.32 -17.09 2.89
C VAL B 148 -20.36 -17.60 4.35
N SER B 149 -19.22 -17.64 5.01
CA SER B 149 -19.23 -18.31 6.32
C SER B 149 -17.89 -18.27 7.05
N ASP B 150 -17.90 -18.59 8.36
CA ASP B 150 -16.64 -18.75 9.12
C ASP B 150 -16.42 -20.22 9.47
N HIS B 151 -17.24 -21.10 8.92
CA HIS B 151 -16.94 -22.52 8.97
C HIS B 151 -16.72 -23.04 7.53
N ILE B 152 -15.75 -23.94 7.37
CA ILE B 152 -15.32 -24.39 6.03
C ILE B 152 -15.29 -25.90 6.15
N ARG B 153 -15.80 -26.58 5.13
CA ARG B 153 -15.99 -28.04 5.15
C ARG B 153 -15.02 -28.64 4.13
N LEU B 154 -14.28 -29.67 4.50
CA LEU B 154 -13.36 -30.32 3.51
C LEU B 154 -13.92 -31.73 3.39
N ARG B 155 -14.10 -32.20 2.16
CA ARG B 155 -14.95 -33.37 1.92
C ARG B 155 -14.36 -34.06 0.71
N VAL B 156 -14.21 -35.37 0.78
CA VAL B 156 -13.90 -36.18 -0.42
C VAL B 156 -15.18 -36.87 -1.01
N ASP B 157 -15.34 -36.82 -2.34
CA ASP B 157 -16.38 -37.59 -3.06
C ASP B 157 -15.62 -38.80 -3.65
N GLY B 158 -15.71 -39.94 -2.96
CA GLY B 158 -14.85 -41.05 -3.27
C GLY B 158 -14.95 -41.43 -4.75
N ALA B 159 -16.17 -41.70 -5.18
CA ALA B 159 -16.38 -42.41 -6.39
C ALA B 159 -15.53 -41.63 -7.31
N GLU B 160 -15.82 -40.32 -7.28
CA GLU B 160 -15.53 -39.33 -8.29
C GLU B 160 -14.11 -38.86 -8.07
N GLU B 161 -13.50 -39.41 -7.00
CA GLU B 161 -12.15 -39.11 -6.56
C GLU B 161 -11.96 -37.58 -6.59
N THR B 162 -12.80 -36.88 -5.85
CA THR B 162 -12.97 -35.46 -6.09
C THR B 162 -12.99 -34.75 -4.75
N PHE B 163 -12.15 -33.72 -4.64
CA PHE B 163 -11.95 -32.98 -3.39
C PHE B 163 -12.77 -31.69 -3.41
N HIS B 164 -13.43 -31.39 -2.31
CA HIS B 164 -14.36 -30.29 -2.31
C HIS B 164 -13.92 -29.46 -1.10
N ILE B 165 -13.87 -28.13 -1.31
CA ILE B 165 -13.65 -27.16 -0.24
C ILE B 165 -14.93 -26.36 -0.29
N GLU B 166 -15.77 -26.44 0.75
CA GLU B 166 -17.12 -25.89 0.58
C GLU B 166 -17.60 -25.16 1.84
N ALA B 167 -18.63 -24.36 1.68
CA ALA B 167 -19.22 -23.66 2.81
C ALA B 167 -20.70 -23.32 2.52
N GLU B 168 -21.51 -23.32 3.56
CA GLU B 168 -22.97 -23.08 3.48
C GLU B 168 -23.39 -21.76 4.13
N GLY B 169 -23.83 -20.76 3.34
CA GLY B 169 -24.21 -19.45 3.86
C GLY B 169 -25.42 -19.49 4.81
N ASP B 170 -26.09 -18.34 4.96
CA ASP B 170 -27.42 -18.34 5.54
C ASP B 170 -28.28 -18.30 4.33
N THR B 171 -27.94 -17.34 3.46
CA THR B 171 -28.59 -17.20 2.19
C THR B 171 -27.93 -18.10 1.11
N ASP B 172 -26.61 -18.23 1.17
CA ASP B 172 -25.84 -18.69 0.00
C ASP B 172 -24.82 -19.77 0.35
N ASP B 173 -24.42 -20.55 -0.66
CA ASP B 173 -23.38 -21.54 -0.44
C ASP B 173 -22.27 -21.40 -1.48
N VAL B 174 -21.17 -22.07 -1.20
CA VAL B 174 -20.11 -22.15 -2.18
C VAL B 174 -19.47 -23.54 -2.13
N ASP B 175 -18.89 -23.94 -3.27
CA ASP B 175 -18.27 -25.24 -3.36
C ASP B 175 -17.19 -25.22 -4.46
N LEU B 176 -15.95 -25.46 -4.02
CA LEU B 176 -14.85 -25.58 -4.94
C LEU B 176 -14.64 -27.08 -5.15
N SER B 177 -14.85 -27.52 -6.38
CA SER B 177 -14.76 -28.93 -6.70
C SER B 177 -13.48 -29.17 -7.53
N LEU B 178 -12.62 -30.02 -7.01
CA LEU B 178 -11.35 -30.29 -7.56
C LEU B 178 -11.31 -31.79 -7.94
N PRO B 179 -11.74 -32.12 -9.15
CA PRO B 179 -11.56 -33.52 -9.53
C PRO B 179 -10.08 -33.92 -9.78
N PRO B 180 -9.83 -35.22 -10.13
CA PRO B 180 -8.49 -35.72 -10.37
C PRO B 180 -7.62 -34.85 -11.27
N ALA B 181 -8.16 -34.16 -12.25
CA ALA B 181 -7.32 -33.36 -13.16
C ALA B 181 -6.73 -32.16 -12.42
N ASP B 182 -7.40 -31.72 -11.38
CA ASP B 182 -6.93 -30.52 -10.72
C ASP B 182 -6.20 -30.90 -9.47
N LEU B 183 -5.88 -32.18 -9.29
CA LEU B 183 -5.10 -32.70 -8.17
C LEU B 183 -3.73 -33.27 -8.59
N ILE B 184 -2.81 -33.21 -7.67
CA ILE B 184 -1.55 -33.91 -7.76
C ILE B 184 -1.78 -35.45 -7.58
N SER B 185 -2.66 -35.82 -6.66
CA SER B 185 -3.08 -37.21 -6.58
C SER B 185 -3.94 -37.25 -5.39
N ILE B 186 -4.64 -38.38 -5.24
CA ILE B 186 -5.65 -38.52 -4.20
C ILE B 186 -5.82 -39.98 -3.79
N GLU B 187 -5.96 -40.24 -2.49
CA GLU B 187 -6.44 -41.53 -2.01
C GLU B 187 -7.78 -41.15 -1.50
N ALA B 188 -8.84 -41.50 -2.23
CA ALA B 188 -10.11 -40.88 -1.97
C ALA B 188 -10.91 -41.62 -0.91
N GLY B 189 -10.37 -41.87 0.28
CA GLY B 189 -11.20 -42.47 1.36
C GLY B 189 -12.35 -41.58 1.81
N ALA B 190 -13.43 -42.16 2.37
CA ALA B 190 -14.52 -41.34 2.94
C ALA B 190 -13.96 -40.29 3.88
N ALA B 191 -14.35 -39.03 3.71
CA ALA B 191 -13.76 -38.00 4.55
C ALA B 191 -14.71 -36.84 4.45
N ASP B 192 -15.09 -36.28 5.58
CA ASP B 192 -15.94 -35.15 5.52
C ASP B 192 -15.87 -34.59 6.96
N SER B 193 -15.43 -33.36 7.08
CA SER B 193 -15.11 -32.80 8.40
C SER B 193 -15.22 -31.28 8.31
N LEU B 194 -15.73 -30.64 9.37
CA LEU B 194 -15.97 -29.21 9.38
C LEU B 194 -14.94 -28.44 10.25
N PHE B 195 -14.49 -27.28 9.81
CA PHE B 195 -13.43 -26.56 10.54
C PHE B 195 -13.68 -25.09 10.76
N SER B 196 -12.93 -24.50 11.71
CA SER B 196 -12.88 -23.06 11.83
C SER B 196 -12.14 -22.45 10.60
N LEU B 197 -12.82 -21.66 9.80
CA LEU B 197 -12.18 -21.23 8.60
C LEU B 197 -10.97 -20.38 8.97
N ASP B 198 -11.11 -19.54 9.99
CA ASP B 198 -10.01 -18.60 10.28
C ASP B 198 -8.71 -19.26 10.66
N TYR B 199 -8.78 -20.36 11.42
CA TYR B 199 -7.59 -21.14 11.69
C TYR B 199 -6.98 -21.66 10.39
N LEU B 200 -7.82 -22.18 9.48
CA LEU B 200 -7.29 -22.82 8.26
C LEU B 200 -6.67 -21.74 7.34
N LYS B 201 -7.36 -20.61 7.26
CA LYS B 201 -6.93 -19.47 6.47
C LYS B 201 -5.58 -18.93 6.90
N ASP B 202 -5.40 -18.79 8.20
CA ASP B 202 -4.16 -18.26 8.78
C ASP B 202 -3.01 -19.29 8.57
N MET B 203 -3.31 -20.56 8.82
CA MET B 203 -2.34 -21.60 8.51
C MET B 203 -1.92 -21.51 7.04
N ASN B 204 -2.91 -21.41 6.19
CA ASN B 204 -2.67 -21.32 4.75
C ASN B 204 -1.85 -20.14 4.37
N LYS B 205 -2.08 -19.06 5.08
CA LYS B 205 -1.41 -17.85 4.76
C LYS B 205 0.10 -18.05 4.84
N ALA B 206 0.53 -19.02 5.65
CA ALA B 206 1.95 -19.18 5.96
C ALA B 206 2.66 -20.04 4.89
N ILE B 207 1.89 -20.85 4.18
CA ILE B 207 2.42 -21.73 3.13
C ILE B 207 2.92 -20.95 1.92
N PRO B 208 4.17 -21.19 1.47
CA PRO B 208 4.60 -20.41 0.27
C PRO B 208 3.78 -20.58 -1.00
N THR B 209 3.82 -19.59 -1.89
CA THR B 209 2.84 -19.48 -2.99
C THR B 209 2.73 -20.69 -3.92
N ASP B 210 3.87 -21.37 -4.12
CA ASP B 210 3.94 -22.47 -5.03
C ASP B 210 4.05 -23.84 -4.38
N ALA B 211 4.08 -23.91 -3.04
CA ALA B 211 4.28 -25.17 -2.35
C ALA B 211 3.18 -26.15 -2.74
N GLU B 212 3.52 -27.43 -2.76
CA GLU B 212 2.55 -28.52 -2.89
C GLU B 212 2.09 -28.91 -1.49
N VAL B 213 0.79 -29.08 -1.31
CA VAL B 213 0.27 -29.27 0.02
C VAL B 213 -0.36 -30.63 0.16
N THR B 214 0.02 -31.37 1.19
CA THR B 214 -0.63 -32.62 1.40
C THR B 214 -1.65 -32.51 2.56
N VAL B 215 -2.88 -32.94 2.29
CA VAL B 215 -4.04 -32.87 3.20
C VAL B 215 -4.50 -34.32 3.57
N GLU B 216 -4.56 -34.58 4.88
CA GLU B 216 -5.11 -35.84 5.41
C GLU B 216 -6.35 -35.50 6.14
N LEU B 217 -7.43 -36.22 5.81
CA LEU B 217 -8.77 -35.85 6.08
C LEU B 217 -9.53 -37.12 6.43
N GLY B 218 -10.54 -36.95 7.26
CA GLY B 218 -11.32 -38.08 7.70
C GLY B 218 -12.73 -37.59 7.89
N GLU B 219 -13.47 -38.43 8.60
CA GLU B 219 -14.86 -38.14 8.97
C GLU B 219 -14.91 -37.72 10.41
N GLU B 220 -15.30 -36.47 10.58
CA GLU B 220 -15.40 -35.78 11.82
C GLU B 220 -14.14 -35.97 12.63
N PHE B 221 -13.01 -35.63 11.99
CA PHE B 221 -11.68 -35.86 12.55
C PHE B 221 -10.79 -34.64 12.31
N PRO B 222 -9.67 -34.55 13.05
CA PRO B 222 -8.82 -33.38 12.77
C PRO B 222 -8.27 -33.51 11.33
N VAL B 223 -8.03 -32.38 10.67
CA VAL B 223 -7.26 -32.36 9.44
C VAL B 223 -5.75 -32.09 9.66
N LYS B 224 -4.90 -32.75 8.91
CA LYS B 224 -3.48 -32.35 8.93
C LYS B 224 -3.12 -31.81 7.55
N LEU B 225 -2.23 -30.83 7.50
CA LEU B 225 -1.67 -30.33 6.23
C LEU B 225 -0.16 -30.45 6.31
N HIS B 226 0.51 -30.95 5.25
CA HIS B 226 1.98 -31.02 5.27
C HIS B 226 2.54 -30.32 4.00
N TYR B 227 3.71 -29.71 4.12
CA TYR B 227 4.29 -29.10 2.92
C TYR B 227 5.77 -28.91 3.19
N GLN B 228 6.55 -28.58 2.18
CA GLN B 228 8.04 -28.52 2.37
C GLN B 228 8.50 -27.09 2.20
N ILE B 229 9.55 -26.72 2.90
CA ILE B 229 10.14 -25.41 2.65
C ILE B 229 11.63 -25.66 2.33
N ALA B 230 12.36 -24.61 1.91
CA ALA B 230 13.81 -24.73 1.88
C ALA B 230 14.06 -25.77 0.79
N GLU B 231 13.39 -25.58 -0.36
CA GLU B 231 13.57 -26.43 -1.51
C GLU B 231 13.59 -27.96 -1.15
N GLY B 232 13.22 -28.29 0.09
CA GLY B 232 13.02 -29.68 0.51
C GLY B 232 13.60 -30.09 1.86
N MET B 233 14.41 -29.23 2.45
CA MET B 233 15.13 -29.58 3.66
C MET B 233 14.41 -29.22 5.00
N GLY B 234 13.20 -28.66 4.91
CA GLY B 234 12.38 -28.50 6.10
C GLY B 234 10.99 -29.07 5.81
N THR B 235 10.28 -29.47 6.85
CA THR B 235 8.88 -29.99 6.71
C THR B 235 8.06 -29.35 7.82
N ILE B 236 6.84 -28.98 7.49
CA ILE B 236 5.92 -28.32 8.44
C ILE B 236 4.68 -29.18 8.45
N THR B 237 4.22 -29.56 9.62
CA THR B 237 2.88 -30.19 9.72
C THR B 237 1.99 -29.33 10.58
N TYR B 238 0.78 -29.07 10.10
CA TYR B 238 -0.27 -28.49 10.95
C TYR B 238 -1.32 -29.53 11.21
N MET B 239 -1.95 -29.48 12.39
CA MET B 239 -3.20 -30.21 12.60
C MET B 239 -4.24 -29.27 13.21
N LEU B 240 -5.47 -29.39 12.74
CA LEU B 240 -6.52 -28.48 13.16
C LEU B 240 -7.70 -29.34 13.67
N ALA B 241 -8.13 -29.15 14.92
CA ALA B 241 -9.28 -29.95 15.42
C ALA B 241 -10.55 -29.75 14.64
N PRO B 242 -11.37 -30.85 14.48
CA PRO B 242 -12.66 -30.67 13.83
C PRO B 242 -13.67 -29.92 14.72
N ARG B 243 -14.70 -29.34 14.09
CA ARG B 243 -15.91 -28.88 14.78
C ARG B 243 -16.94 -29.94 15.03
N PHE C 2 8.24 37.40 -9.37
CA PHE C 2 8.77 36.02 -9.38
C PHE C 2 8.11 35.11 -10.42
N LYS C 3 8.90 34.40 -11.21
CA LYS C 3 8.29 33.44 -12.11
C LYS C 3 9.30 32.38 -12.42
N ALA C 4 8.83 31.15 -12.41
CA ALA C 4 9.76 30.07 -12.49
C ALA C 4 9.10 28.89 -13.12
N ILE C 5 9.90 28.02 -13.70
CA ILE C 5 9.43 26.83 -14.28
C ILE C 5 10.37 25.75 -13.81
N VAL C 6 9.83 24.76 -13.12
CA VAL C 6 10.64 23.75 -12.49
C VAL C 6 10.08 22.38 -12.68
N SER C 7 10.98 21.46 -12.80
CA SER C 7 10.66 20.05 -12.93
C SER C 7 9.87 19.51 -11.69
N ALA C 8 8.85 18.67 -11.94
CA ALA C 8 8.05 18.00 -10.87
C ALA C 8 8.85 17.30 -9.78
N ALA C 9 9.72 16.38 -10.15
CA ALA C 9 10.58 15.70 -9.16
C ALA C 9 11.44 16.67 -8.38
N THR C 10 12.02 17.69 -9.06
CA THR C 10 12.84 18.67 -8.37
C THR C 10 12.09 19.32 -7.20
N LEU C 11 10.95 19.93 -7.51
CA LEU C 11 10.24 20.70 -6.53
C LEU C 11 9.73 19.81 -5.40
N ARG C 12 9.26 18.61 -5.73
CA ARG C 12 8.76 17.70 -4.71
C ARG C 12 9.86 17.20 -3.76
N ASP C 13 11.04 16.85 -4.29
CA ASP C 13 12.22 16.57 -3.46
C ASP C 13 12.51 17.77 -2.57
N ALA C 14 12.58 18.96 -3.16
CA ALA C 14 12.81 20.15 -2.33
C ALA C 14 11.77 20.41 -1.22
N LEU C 15 10.49 20.40 -1.56
CA LEU C 15 9.52 20.71 -0.49
C LEU C 15 9.39 19.59 0.49
N ASP C 16 9.57 18.36 0.00
CA ASP C 16 9.60 17.20 0.94
C ASP C 16 10.57 17.44 2.09
N SER C 17 11.81 17.90 1.80
CA SER C 17 12.78 18.16 2.92
C SER C 17 12.24 19.09 3.98
N VAL C 18 11.61 20.17 3.55
CA VAL C 18 11.17 21.14 4.56
C VAL C 18 9.89 20.70 5.34
N SER C 19 9.01 20.03 4.61
CA SER C 19 7.74 19.53 5.11
C SER C 19 7.90 18.43 6.22
N VAL C 20 9.01 17.72 6.24
CA VAL C 20 9.39 16.92 7.42
C VAL C 20 9.31 17.64 8.76
N LEU C 21 9.66 18.94 8.79
CA LEU C 21 9.64 19.71 10.02
C LEU C 21 8.52 20.72 10.26
N VAL C 22 8.05 21.36 9.19
CA VAL C 22 7.06 22.43 9.32
C VAL C 22 5.90 22.27 8.31
N ASP C 23 4.75 22.88 8.63
CA ASP C 23 3.63 22.92 7.68
C ASP C 23 3.45 24.27 7.06
N GLU C 24 4.18 25.27 7.53
CA GLU C 24 4.15 26.53 6.75
C GLU C 24 5.57 27.07 6.80
N CYS C 25 6.02 27.83 5.79
CA CYS C 25 7.40 28.29 5.75
C CYS C 25 7.56 29.63 4.97
N LYS C 26 8.71 30.25 5.09
CA LYS C 26 9.05 31.40 4.25
C LYS C 26 9.90 30.93 3.10
N ILE C 27 9.58 31.31 1.89
CA ILE C 27 10.50 31.00 0.78
C ILE C 27 11.11 32.30 0.37
N ARG C 28 12.44 32.31 0.29
CA ARG C 28 13.18 33.48 -0.09
C ARG C 28 13.39 33.37 -1.53
N LEU C 29 13.01 34.42 -2.25
CA LEU C 29 13.11 34.37 -3.70
C LEU C 29 14.25 35.22 -4.21
N ASN C 30 15.45 34.68 -4.07
CA ASN C 30 16.64 35.46 -4.32
C ASN C 30 17.07 35.42 -5.78
N GLU C 31 17.97 36.29 -6.22
CA GLU C 31 18.20 36.42 -7.67
C GLU C 31 18.77 35.19 -8.36
N GLU C 32 19.59 34.42 -7.63
CA GLU C 32 20.30 33.26 -8.19
C GLU C 32 19.97 31.92 -7.50
N SER C 33 19.07 31.94 -6.53
CA SER C 33 18.60 30.69 -5.94
C SER C 33 17.32 30.97 -5.14
N LEU C 34 16.51 29.91 -5.01
CA LEU C 34 15.38 29.89 -4.08
C LEU C 34 15.84 29.13 -2.87
N SER C 35 15.57 29.66 -1.68
CA SER C 35 15.96 28.97 -0.45
C SER C 35 14.86 29.00 0.56
N ILE C 36 14.85 28.03 1.45
CA ILE C 36 13.90 27.96 2.57
C ILE C 36 14.69 27.53 3.81
N ARG C 37 14.58 28.25 4.91
CA ARG C 37 15.15 27.68 6.13
C ARG C 37 14.15 27.76 7.24
N ALA C 38 14.06 26.70 8.06
CA ALA C 38 13.00 26.64 9.07
C ALA C 38 13.41 25.84 10.32
N VAL C 39 12.84 26.17 11.48
CA VAL C 39 13.06 25.35 12.62
C VAL C 39 11.67 24.83 13.00
N ASP C 40 11.57 23.67 13.63
CA ASP C 40 10.29 23.17 14.12
C ASP C 40 9.91 23.84 15.42
N PRO C 41 8.65 23.65 15.83
CA PRO C 41 8.06 24.32 17.00
C PRO C 41 8.80 23.98 18.28
N ALA C 42 9.19 22.71 18.42
CA ALA C 42 9.93 22.23 19.60
C ALA C 42 11.38 22.70 19.75
N ASN C 43 11.88 23.37 18.70
CA ASN C 43 13.28 23.72 18.54
C ASN C 43 14.24 22.52 18.59
N VAL C 44 13.89 21.43 17.92
CA VAL C 44 14.69 20.23 18.00
C VAL C 44 15.35 19.99 16.61
N GLY C 45 14.62 20.30 15.53
CA GLY C 45 15.08 20.17 14.10
C GLY C 45 15.18 21.46 13.31
N MET C 46 16.19 21.56 12.42
CA MET C 46 16.30 22.71 11.52
C MET C 46 16.60 22.24 10.08
N VAL C 47 16.00 22.89 9.09
CA VAL C 47 16.29 22.59 7.67
C VAL C 47 16.70 23.90 6.93
N ASP C 48 17.66 23.77 5.98
CA ASP C 48 18.18 24.81 5.14
C ASP C 48 18.31 24.19 3.72
N LEU C 49 17.45 24.65 2.84
CA LEU C 49 17.39 24.30 1.41
C LEU C 49 17.89 25.51 0.63
N THR C 50 18.74 25.25 -0.36
CA THR C 50 19.07 26.19 -1.41
C THR C 50 18.89 25.51 -2.78
N LEU C 51 18.09 26.10 -3.63
CA LEU C 51 17.88 25.49 -4.90
C LEU C 51 18.35 26.55 -5.90
N ASP C 52 19.50 26.30 -6.49
CA ASP C 52 20.12 27.21 -7.49
C ASP C 52 19.23 27.50 -8.73
N ALA C 53 19.36 28.69 -9.27
CA ALA C 53 18.60 29.00 -10.50
C ALA C 53 18.76 27.93 -11.56
N ALA C 54 19.93 27.28 -11.56
CA ALA C 54 20.20 26.31 -12.61
C ALA C 54 19.31 25.08 -12.49
N ALA C 55 18.68 24.89 -11.34
CA ALA C 55 17.78 23.70 -11.17
C ALA C 55 16.45 23.84 -11.90
N PHE C 56 16.15 25.06 -12.36
CA PHE C 56 14.87 25.42 -12.92
C PHE C 56 15.06 25.39 -14.41
N GLU C 57 13.98 25.27 -15.16
CA GLU C 57 14.12 25.39 -16.59
C GLU C 57 14.14 26.88 -16.79
N SER C 58 13.49 27.59 -15.92
CA SER C 58 13.53 29.02 -16.04
C SER C 58 13.32 29.64 -14.66
N TYR C 59 14.08 30.68 -14.31
CA TYR C 59 13.95 31.28 -12.99
C TYR C 59 14.17 32.81 -13.02
N GLU C 60 13.23 33.60 -12.47
CA GLU C 60 13.41 35.06 -12.46
C GLU C 60 12.83 35.60 -11.20
N ALA C 61 13.69 36.16 -10.38
CA ALA C 61 13.30 36.56 -9.04
C ALA C 61 14.09 37.80 -8.68
N HIS C 62 13.48 38.66 -7.85
CA HIS C 62 14.12 39.93 -7.45
C HIS C 62 14.25 40.14 -5.93
N GLY C 63 14.34 39.05 -5.14
CA GLY C 63 14.69 39.21 -3.75
C GLY C 63 13.52 39.22 -2.79
N GLY C 64 12.33 38.97 -3.26
CA GLY C 64 11.23 38.87 -2.30
C GLY C 64 11.19 37.65 -1.36
N VAL C 65 10.21 37.70 -0.46
CA VAL C 65 9.96 36.61 0.48
C VAL C 65 8.48 36.40 0.48
N ILE C 66 8.03 35.16 0.45
CA ILE C 66 6.61 34.88 0.50
C ILE C 66 6.36 33.85 1.59
N GLY C 67 5.15 33.80 2.12
CA GLY C 67 4.78 32.82 3.14
C GLY C 67 3.77 31.83 2.60
N VAL C 68 4.04 30.53 2.75
CA VAL C 68 3.15 29.58 2.16
C VAL C 68 2.67 28.52 3.10
N ASN C 69 1.44 28.06 2.86
CA ASN C 69 0.98 26.76 3.42
C ASN C 69 1.73 25.67 2.69
N LEU C 70 2.70 25.08 3.35
CA LEU C 70 3.51 24.16 2.62
C LEU C 70 2.80 22.82 2.40
N SER C 71 1.91 22.39 3.29
CA SER C 71 1.21 21.14 3.02
C SER C 71 0.30 21.24 1.79
N ARG C 72 -0.32 22.41 1.55
CA ARG C 72 -1.18 22.62 0.35
C ARG C 72 -0.29 22.65 -0.86
N LEU C 73 0.82 23.38 -0.75
CA LEU C 73 1.63 23.55 -1.92
C LEU C 73 2.25 22.22 -2.31
N GLU C 74 2.57 21.39 -1.33
CA GLU C 74 2.99 20.01 -1.62
C GLU C 74 1.99 19.10 -2.36
N GLU C 75 0.74 19.14 -1.87
CA GLU C 75 -0.35 18.44 -2.47
C GLU C 75 -0.54 18.84 -3.87
N VAL C 76 -0.49 20.14 -4.15
CA VAL C 76 -0.55 20.59 -5.51
C VAL C 76 0.60 20.04 -6.42
N ALA C 77 1.86 20.20 -5.96
CA ALA C 77 3.02 19.74 -6.74
C ALA C 77 2.90 18.23 -7.04
N GLY C 78 2.20 17.54 -6.15
CA GLY C 78 1.85 16.09 -6.32
C GLY C 78 0.94 15.74 -7.50
N MET C 79 0.15 16.68 -7.98
CA MET C 79 -0.64 16.41 -9.19
C MET C 79 0.21 16.27 -10.46
N ALA C 80 1.47 16.69 -10.45
CA ALA C 80 2.26 16.60 -11.70
C ALA C 80 2.63 15.15 -12.00
N GLY C 83 6.97 13.27 -15.59
CA GLY C 83 7.87 14.40 -15.89
C GLY C 83 7.24 15.74 -16.32
N ASP C 84 6.13 16.16 -15.67
CA ASP C 84 5.52 17.48 -16.05
C ASP C 84 6.38 18.62 -15.52
N LEU C 85 6.19 19.80 -16.11
CA LEU C 85 6.80 20.99 -15.53
C LEU C 85 5.71 21.65 -14.66
N ILE C 86 6.12 22.37 -13.62
CA ILE C 86 5.23 23.13 -12.76
C ILE C 86 5.59 24.59 -12.97
N HIS C 87 4.62 25.41 -13.29
CA HIS C 87 4.84 26.78 -13.59
C HIS C 87 4.56 27.58 -12.33
N LEU C 88 5.53 28.36 -11.85
CA LEU C 88 5.24 29.17 -10.64
C LEU C 88 5.28 30.68 -10.93
N THR C 89 4.17 31.38 -10.67
CA THR C 89 4.07 32.82 -10.88
C THR C 89 3.42 33.51 -9.70
N LEU C 90 4.07 34.53 -9.16
CA LEU C 90 3.60 35.22 -8.01
C LEU C 90 2.80 36.43 -8.48
N ASP C 91 1.63 36.67 -7.88
CA ASP C 91 0.93 37.94 -8.01
C ASP C 91 1.16 38.78 -6.71
N GLU C 92 2.19 39.65 -6.74
CA GLU C 92 2.56 40.50 -5.62
C GLU C 92 1.39 41.39 -5.27
N GLU C 93 0.52 41.60 -6.26
CA GLU C 93 -0.65 42.51 -6.07
C GLU C 93 -1.74 41.93 -5.17
N THR C 94 -2.17 40.73 -5.51
CA THR C 94 -3.16 40.03 -4.73
C THR C 94 -2.54 39.16 -3.64
N ARG C 95 -1.21 39.07 -3.64
CA ARG C 95 -0.54 38.16 -2.68
C ARG C 95 -1.02 36.71 -2.86
N LYS C 96 -0.94 36.22 -4.11
CA LYS C 96 -1.29 34.81 -4.43
C LYS C 96 -0.13 34.23 -5.27
N LEU C 97 0.14 32.96 -5.09
CA LEU C 97 0.98 32.20 -5.98
C LEU C 97 0.15 31.33 -6.95
N ASN C 98 0.29 31.53 -8.24
CA ASN C 98 -0.36 30.67 -9.24
C ASN C 98 0.62 29.55 -9.56
N ILE C 99 0.14 28.32 -9.45
CA ILE C 99 0.87 27.15 -9.82
C ILE C 99 0.08 26.57 -11.00
N ARG C 100 0.74 26.31 -12.11
CA ARG C 100 0.06 25.77 -13.27
C ARG C 100 0.78 24.50 -13.73
N ILE C 101 0.04 23.42 -14.00
CA ILE C 101 0.65 22.17 -14.45
C ILE C 101 -0.30 21.76 -15.58
N ASP C 102 0.20 21.92 -16.81
CA ASP C 102 -0.61 21.71 -18.00
C ASP C 102 -1.78 22.68 -18.03
N GLY C 103 -2.96 22.15 -18.18
CA GLY C 103 -4.07 23.05 -18.16
C GLY C 103 -4.58 23.33 -16.75
N LEU C 104 -4.01 22.70 -15.72
CA LEU C 104 -4.46 22.88 -14.29
C LEU C 104 -3.87 24.10 -13.56
N SER C 105 -4.70 25.04 -13.11
CA SER C 105 -4.17 26.29 -12.52
C SER C 105 -4.73 26.40 -11.13
N TYR C 106 -3.84 26.48 -10.12
CA TYR C 106 -4.21 26.51 -8.73
C TYR C 106 -3.73 27.82 -8.17
N THR C 107 -4.62 28.56 -7.52
CA THR C 107 -4.25 29.89 -7.00
C THR C 107 -4.23 29.74 -5.50
N LEU C 108 -3.03 29.94 -4.91
CA LEU C 108 -2.72 29.60 -3.51
C LEU C 108 -2.57 30.94 -2.84
N ALA C 109 -3.39 31.22 -1.84
CA ALA C 109 -3.31 32.49 -1.15
C ALA C 109 -2.07 32.51 -0.25
N LEU C 110 -1.27 33.54 -0.35
CA LEU C 110 -0.07 33.63 0.50
C LEU C 110 -0.49 33.94 1.94
N ILE C 111 0.42 33.68 2.86
CA ILE C 111 0.30 33.99 4.27
C ILE C 111 1.34 35.13 4.56
N ASP C 112 0.97 36.07 5.42
CA ASP C 112 1.90 37.15 5.79
C ASP C 112 3.15 36.50 6.40
N PRO C 113 4.33 36.76 5.84
CA PRO C 113 5.53 36.09 6.37
C PRO C 113 5.75 36.43 7.89
N ASP C 114 5.31 37.63 8.29
CA ASP C 114 5.52 38.11 9.67
C ASP C 114 4.78 37.27 10.64
N SER C 115 3.96 36.41 10.09
CA SER C 115 3.05 35.59 10.83
C SER C 115 3.60 34.16 10.94
N ILE C 116 4.74 33.93 10.33
CA ILE C 116 5.25 32.54 10.22
C ILE C 116 6.51 32.58 11.07
N ARG C 117 6.85 31.43 11.68
CA ARG C 117 8.08 31.29 12.52
C ARG C 117 9.31 31.93 11.85
N GLN C 118 9.97 32.81 12.61
CA GLN C 118 11.27 33.40 12.31
C GLN C 118 12.28 32.36 11.86
N GLU C 119 12.91 32.67 10.75
CA GLU C 119 13.92 31.75 10.20
C GLU C 119 15.09 31.54 11.12
N PRO C 120 15.56 30.28 11.26
CA PRO C 120 16.64 30.07 12.18
C PRO C 120 17.98 30.31 11.48
N ASP C 121 18.99 30.52 12.30
CA ASP C 121 20.42 30.53 11.89
C ASP C 121 20.88 29.08 12.15
N ILE C 122 21.31 28.37 11.12
CA ILE C 122 22.01 27.09 11.35
C ILE C 122 23.53 27.36 11.62
N PRO C 123 23.94 27.28 12.87
CA PRO C 123 25.29 27.58 13.32
C PRO C 123 26.33 26.69 12.62
N ASP C 124 27.45 27.27 12.21
CA ASP C 124 28.52 26.53 11.54
C ASP C 124 29.20 25.84 12.70
N LEU C 125 29.35 24.51 12.65
CA LEU C 125 29.93 23.77 13.77
C LEU C 125 31.22 23.12 13.30
N ASP C 126 32.15 22.78 14.20
CA ASP C 126 33.41 22.11 13.76
C ASP C 126 33.48 20.74 14.40
N LEU C 127 32.40 19.97 14.23
CA LEU C 127 32.23 18.73 14.94
C LEU C 127 33.34 17.86 14.51
N ALA C 128 33.70 16.95 15.39
CA ALA C 128 34.93 16.23 15.33
C ALA C 128 34.88 15.23 14.17
N ALA C 129 33.72 14.63 13.92
CA ALA C 129 33.70 13.57 12.88
C ALA C 129 32.87 13.93 11.66
N ASN C 130 33.22 13.33 10.53
CA ASN C 130 32.54 13.63 9.31
C ASN C 130 32.42 12.30 8.59
N ILE C 131 31.21 11.94 8.24
CA ILE C 131 31.02 10.63 7.63
C ILE C 131 30.22 10.84 6.36
N VAL C 132 30.71 10.37 5.21
CA VAL C 132 29.92 10.42 3.95
C VAL C 132 29.49 8.95 3.66
N LEU C 133 28.21 8.71 3.44
CA LEU C 133 27.75 7.33 3.17
C LEU C 133 26.52 7.29 2.35
N GLU C 134 26.26 6.15 1.67
CA GLU C 134 24.99 5.94 0.92
C GLU C 134 23.80 6.01 1.85
N GLY C 135 22.72 6.61 1.39
CA GLY C 135 21.49 6.82 2.21
C GLY C 135 20.92 5.45 2.64
N THR C 136 21.16 4.41 1.88
CA THR C 136 20.58 3.11 2.19
C THR C 136 20.95 2.59 3.60
N HIS C 137 22.17 2.93 4.02
CA HIS C 137 22.71 2.49 5.26
C HIS C 137 21.96 3.19 6.39
N LEU C 138 21.66 4.46 6.18
CA LEU C 138 20.98 5.21 7.22
C LEU C 138 19.51 4.77 7.36
N ASP C 139 18.87 4.45 6.22
CA ASP C 139 17.56 3.77 6.21
C ASP C 139 17.57 2.54 7.02
N ARG C 140 18.51 1.68 6.69
CA ARG C 140 18.62 0.39 7.35
C ARG C 140 18.83 0.45 8.86
N GLY C 141 19.76 1.29 9.27
CA GLY C 141 20.10 1.40 10.67
C GLY C 141 19.00 1.98 11.53
N ILE C 142 18.32 2.95 10.94
CA ILE C 142 17.14 3.54 11.54
C ILE C 142 15.98 2.53 11.62
N LYS C 143 15.72 1.76 10.58
CA LYS C 143 14.72 0.71 10.69
C LYS C 143 15.03 -0.24 11.84
N ALA C 144 16.30 -0.66 11.94
CA ALA C 144 16.63 -1.72 12.91
C ALA C 144 16.46 -1.13 14.34
N ALA C 145 17.00 0.06 14.56
CA ALA C 145 16.99 0.74 15.85
C ALA C 145 15.56 0.91 16.36
N ASP C 146 14.66 1.25 15.44
CA ASP C 146 13.23 1.53 15.76
C ASP C 146 12.57 0.32 16.38
N MET C 147 13.01 -0.86 15.98
CA MET C 147 12.56 -2.08 16.61
C MET C 147 12.74 -2.15 18.12
N VAL C 148 13.87 -1.68 18.64
CA VAL C 148 14.12 -1.79 20.06
C VAL C 148 14.03 -0.48 20.87
N SER C 149 13.93 0.68 20.21
CA SER C 149 13.92 1.90 20.99
C SER C 149 13.33 3.05 20.21
N ASP C 150 13.04 4.14 20.91
CA ASP C 150 12.64 5.38 20.22
C ASP C 150 13.78 6.43 20.32
N HIS C 151 14.95 5.99 20.78
CA HIS C 151 16.18 6.81 20.83
C HIS C 151 17.24 6.12 19.95
N ILE C 152 18.00 6.91 19.19
CA ILE C 152 19.06 6.36 18.32
C ILE C 152 20.40 6.98 18.55
N ARG C 153 21.40 6.10 18.66
CA ARG C 153 22.78 6.54 18.93
C ARG C 153 23.64 6.47 17.65
N LEU C 154 24.34 7.56 17.40
CA LEU C 154 25.25 7.60 16.23
C LEU C 154 26.60 7.74 16.89
N ARG C 155 27.55 6.88 16.53
CA ARG C 155 28.81 6.79 17.29
C ARG C 155 29.92 6.53 16.25
N VAL C 156 31.05 7.20 16.39
CA VAL C 156 32.27 6.77 15.68
C VAL C 156 33.22 5.84 16.52
N ASP C 157 33.79 4.80 15.90
CA ASP C 157 34.91 4.05 16.56
C ASP C 157 36.10 4.64 15.87
N GLY C 158 36.81 5.52 16.59
CA GLY C 158 37.85 6.36 15.98
C GLY C 158 39.07 5.52 15.55
N ALA C 159 39.22 4.36 16.12
CA ALA C 159 40.42 3.62 15.84
C ALA C 159 40.16 2.89 14.57
N GLU C 160 39.06 2.14 14.59
CA GLU C 160 38.66 1.32 13.48
C GLU C 160 38.04 2.11 12.32
N GLU C 161 37.92 3.43 12.43
CA GLU C 161 37.25 4.26 11.43
C GLU C 161 35.88 3.69 10.99
N THR C 162 35.10 3.31 11.99
CA THR C 162 33.87 2.59 11.78
C THR C 162 32.73 3.44 12.34
N PHE C 163 31.65 3.54 11.58
CA PHE C 163 30.51 4.38 11.99
C PHE C 163 29.44 3.39 12.47
N HIS C 164 28.78 3.75 13.58
CA HIS C 164 27.83 2.83 14.28
C HIS C 164 26.53 3.56 14.39
N ILE C 165 25.46 2.90 13.98
CA ILE C 165 24.10 3.37 14.22
C ILE C 165 23.46 2.30 15.08
N GLU C 166 23.09 2.63 16.34
CA GLU C 166 22.74 1.61 17.31
C GLU C 166 21.63 2.09 18.25
N ALA C 167 21.13 1.15 19.01
CA ALA C 167 20.14 1.47 20.02
C ALA C 167 20.07 0.32 21.05
N GLU C 168 19.68 0.71 22.27
CA GLU C 168 19.65 -0.15 23.48
C GLU C 168 18.20 -0.09 23.97
N GLY C 169 17.53 -1.22 24.08
CA GLY C 169 16.12 -1.28 24.52
C GLY C 169 16.16 -1.88 25.93
N ASP C 170 15.04 -2.40 26.42
CA ASP C 170 15.00 -2.89 27.81
C ASP C 170 15.89 -4.13 27.97
N THR C 171 15.76 -5.11 27.08
CA THR C 171 16.70 -6.25 27.08
C THR C 171 17.40 -6.52 25.74
N ASP C 172 16.77 -6.08 24.64
CA ASP C 172 17.37 -6.18 23.26
C ASP C 172 18.20 -4.95 22.85
N ASP C 173 19.22 -5.17 22.01
CA ASP C 173 20.07 -4.11 21.50
C ASP C 173 20.32 -4.34 20.01
N VAL C 174 20.74 -3.32 19.32
CA VAL C 174 20.99 -3.49 17.86
C VAL C 174 22.26 -2.67 17.48
N ASP C 175 23.04 -3.12 16.53
CA ASP C 175 24.18 -2.34 16.20
C ASP C 175 24.48 -2.50 14.73
N LEU C 176 24.27 -1.44 13.95
CA LEU C 176 24.73 -1.42 12.56
C LEU C 176 26.13 -0.85 12.51
N SER C 177 27.07 -1.71 12.17
CA SER C 177 28.47 -1.32 12.18
C SER C 177 28.95 -1.15 10.70
N LEU C 178 29.48 0.03 10.37
CA LEU C 178 29.84 0.40 9.02
C LEU C 178 31.33 0.77 8.94
N PRO C 179 32.19 -0.26 8.81
CA PRO C 179 33.62 0.00 8.68
C PRO C 179 33.93 0.76 7.38
N PRO C 180 35.18 1.15 7.18
CA PRO C 180 35.39 2.00 6.01
C PRO C 180 34.99 1.45 4.60
N ALA C 181 35.00 0.14 4.37
CA ALA C 181 34.55 -0.44 3.08
C ALA C 181 33.05 -0.21 2.79
N ASP C 182 32.23 0.14 3.81
CA ASP C 182 30.82 0.45 3.61
C ASP C 182 30.55 1.94 3.65
N LEU C 183 31.60 2.73 3.68
CA LEU C 183 31.48 4.20 3.68
C LEU C 183 31.96 4.76 2.39
N ILE C 184 31.52 5.97 2.07
CA ILE C 184 32.17 6.72 1.00
C ILE C 184 33.43 7.50 1.45
N SER C 185 33.36 8.11 2.63
CA SER C 185 34.58 8.57 3.34
C SER C 185 34.26 8.73 4.82
N ILE C 186 35.32 8.93 5.62
CA ILE C 186 35.21 9.22 7.05
C ILE C 186 36.43 10.05 7.54
N GLU C 187 36.17 11.11 8.28
CA GLU C 187 37.15 11.62 9.23
C GLU C 187 36.69 11.18 10.60
N ALA C 188 37.47 10.27 11.19
CA ALA C 188 36.98 9.52 12.33
C ALA C 188 37.31 10.13 13.71
N GLY C 189 37.05 11.42 13.89
CA GLY C 189 37.16 12.08 15.22
C GLY C 189 36.17 11.55 16.25
N ALA C 190 36.34 11.95 17.49
CA ALA C 190 35.56 11.41 18.60
C ALA C 190 34.12 11.79 18.39
N ALA C 191 33.20 10.83 18.39
CA ALA C 191 31.82 11.21 18.22
C ALA C 191 30.91 10.13 18.77
N ASP C 192 29.90 10.58 19.51
CA ASP C 192 28.93 9.71 20.19
C ASP C 192 27.82 10.66 20.67
N SER C 193 26.66 10.60 19.98
CA SER C 193 25.45 11.40 20.34
C SER C 193 24.18 10.58 20.20
N LEU C 194 23.18 10.93 21.00
CA LEU C 194 21.94 10.21 21.04
C LEU C 194 20.81 11.11 20.56
N PHE C 195 19.84 10.58 19.79
CA PHE C 195 18.86 11.54 19.20
C PHE C 195 17.50 10.95 19.35
N SER C 196 16.48 11.78 19.20
CA SER C 196 15.13 11.22 19.08
C SER C 196 14.99 10.44 17.77
N LEU C 197 14.66 9.13 17.82
CA LEU C 197 14.62 8.36 16.58
C LEU C 197 13.65 8.91 15.53
N ASP C 198 12.46 9.29 15.98
CA ASP C 198 11.39 9.72 15.04
C ASP C 198 11.74 10.90 14.20
N TYR C 199 12.34 11.93 14.80
CA TYR C 199 12.86 13.00 13.99
C TYR C 199 13.85 12.52 12.91
N LEU C 200 14.83 11.69 13.31
CA LEU C 200 15.85 11.29 12.37
C LEU C 200 15.24 10.44 11.24
N LYS C 201 14.27 9.63 11.59
CA LYS C 201 13.55 8.84 10.57
C LYS C 201 12.70 9.65 9.53
N ASP C 202 11.98 10.66 9.97
CA ASP C 202 11.23 11.58 9.07
C ASP C 202 12.19 12.34 8.20
N MET C 203 13.25 12.83 8.81
CA MET C 203 14.30 13.42 8.02
C MET C 203 14.81 12.47 6.99
N ASN C 204 15.27 11.29 7.39
CA ASN C 204 15.78 10.35 6.39
C ASN C 204 14.72 10.02 5.33
N LYS C 205 13.49 9.94 5.72
CA LYS C 205 12.50 9.63 4.73
C LYS C 205 12.36 10.61 3.60
N ALA C 206 12.69 11.90 3.83
CA ALA C 206 12.67 12.88 2.75
C ALA C 206 13.90 12.77 1.82
N ILE C 207 14.99 12.15 2.29
CA ILE C 207 16.19 12.03 1.48
C ILE C 207 15.93 11.05 0.34
N PRO C 208 16.24 11.43 -0.90
CA PRO C 208 15.83 10.56 -1.99
C PRO C 208 16.66 9.29 -1.95
N THR C 209 16.10 8.19 -2.45
CA THR C 209 16.70 6.90 -2.10
C THR C 209 18.17 6.67 -2.50
N ASP C 210 18.63 7.22 -3.63
CA ASP C 210 20.03 6.95 -4.00
C ASP C 210 21.06 8.04 -3.51
N ALA C 211 20.66 8.96 -2.63
CA ALA C 211 21.50 10.13 -2.31
C ALA C 211 22.63 9.75 -1.36
N GLU C 212 23.74 10.43 -1.54
CA GLU C 212 24.83 10.21 -0.61
C GLU C 212 24.69 11.27 0.47
N VAL C 213 24.85 10.84 1.71
CA VAL C 213 24.62 11.75 2.82
C VAL C 213 25.89 12.04 3.56
N THR C 214 26.11 13.32 3.85
CA THR C 214 27.21 13.72 4.74
C THR C 214 26.73 13.96 6.16
N VAL C 215 27.38 13.32 7.14
CA VAL C 215 26.94 13.36 8.57
C VAL C 215 28.08 14.06 9.30
N GLU C 216 27.78 15.16 10.03
CA GLU C 216 28.74 15.75 10.92
C GLU C 216 28.29 15.48 12.33
N LEU C 217 29.20 14.93 13.12
CA LEU C 217 28.82 14.25 14.37
C LEU C 217 29.92 14.50 15.42
N GLY C 218 29.53 14.82 16.66
CA GLY C 218 30.51 14.98 17.77
C GLY C 218 29.99 14.25 19.00
N GLU C 219 30.42 14.71 20.19
CA GLU C 219 30.07 14.09 21.45
C GLU C 219 28.99 14.92 22.20
N GLU C 220 27.78 14.39 22.28
CA GLU C 220 26.69 15.07 22.93
C GLU C 220 26.40 16.46 22.26
N PHE C 221 26.36 16.49 20.92
CA PHE C 221 26.09 17.72 20.15
C PHE C 221 25.05 17.43 19.07
N PRO C 222 24.63 18.48 18.28
CA PRO C 222 23.64 18.18 17.29
C PRO C 222 24.33 17.46 16.18
N VAL C 223 23.53 16.74 15.42
CA VAL C 223 24.05 16.11 14.21
C VAL C 223 23.63 17.00 13.04
N LYS C 224 24.47 17.10 11.99
CA LYS C 224 24.02 17.71 10.77
C LYS C 224 24.02 16.66 9.69
N LEU C 225 23.10 16.80 8.77
CA LEU C 225 23.09 15.88 7.61
C LEU C 225 23.02 16.77 6.37
N HIS C 226 23.80 16.48 5.31
CA HIS C 226 23.82 17.32 4.10
C HIS C 226 23.64 16.35 2.93
N TYR C 227 22.85 16.75 1.92
CA TYR C 227 22.72 16.00 0.66
C TYR C 227 22.30 16.92 -0.44
N GLN C 228 22.36 16.44 -1.69
CA GLN C 228 22.06 17.23 -2.85
C GLN C 228 20.89 16.60 -3.59
N ILE C 229 20.19 17.40 -4.36
CA ILE C 229 19.09 16.95 -5.19
C ILE C 229 19.30 17.71 -6.51
N ALA C 230 18.41 17.51 -7.46
CA ALA C 230 18.54 18.25 -8.72
C ALA C 230 19.88 18.04 -9.41
N GLU C 231 20.42 16.81 -9.41
CA GLU C 231 21.78 16.47 -9.92
C GLU C 231 22.86 17.41 -9.38
N GLY C 232 22.78 17.76 -8.09
CA GLY C 232 23.75 18.72 -7.61
C GLY C 232 23.32 20.16 -7.46
N MET C 233 22.27 20.61 -8.13
CA MET C 233 21.99 22.04 -8.12
C MET C 233 21.07 22.45 -7.01
N GLY C 234 20.74 21.53 -6.11
CA GLY C 234 20.12 21.95 -4.87
C GLY C 234 20.87 21.27 -3.74
N THR C 235 20.89 21.88 -2.56
CA THR C 235 21.56 21.19 -1.45
C THR C 235 20.63 21.37 -0.23
N ILE C 236 20.58 20.36 0.60
CA ILE C 236 19.73 20.44 1.80
C ILE C 236 20.60 20.12 3.03
N THR C 237 20.43 20.88 4.13
CA THR C 237 21.15 20.57 5.36
C THR C 237 20.06 20.43 6.41
N TYR C 238 20.10 19.35 7.19
CA TYR C 238 19.31 19.26 8.39
C TYR C 238 20.27 19.44 9.57
N MET C 239 19.74 19.98 10.67
CA MET C 239 20.42 19.90 11.93
C MET C 239 19.47 19.35 12.98
N LEU C 240 19.91 18.37 13.76
CA LEU C 240 19.05 17.73 14.77
C LEU C 240 19.65 17.84 16.17
N ALA C 241 18.98 18.46 17.13
CA ALA C 241 19.51 18.59 18.45
C ALA C 241 19.61 17.22 19.10
N PRO C 242 20.60 17.02 20.00
CA PRO C 242 20.73 15.72 20.65
C PRO C 242 19.70 15.56 21.74
N ARG C 243 19.36 14.35 22.16
CA ARG C 243 18.37 14.29 23.20
C ARG C 243 18.96 14.12 24.58
#